data_1HV5
#
_entry.id   1HV5
#
_cell.length_a   140.100
_cell.length_b   148.500
_cell.length_c   91.400
_cell.angle_alpha   90.00
_cell.angle_beta   90.00
_cell.angle_gamma   90.00
#
_symmetry.space_group_name_H-M   'P 21 21 21'
#
loop_
_entity.id
_entity.type
_entity.pdbx_description
1 polymer 'STROMELYSIN 3'
2 non-polymer 'ZINC ION'
3 non-polymer 'CALCIUM ION'
4 non-polymer 3-[(3-CHOLAMIDOPROPYL)DIMETHYLAMMONIO]-1-PROPANESULFONATE
5 non-polymer '1-BENZYLOXYCARBONYLAMINO-2-PHENYL-ETHYL)-{2-[1-CARBAMOYL-2-(1H-INDOL-3-YL)-ETHYLCARBAMOYL]-5-PHENYL-PENTYL}-PHOSPHINIC ACID'
6 water water
#
_entity_poly.entity_id   1
_entity_poly.type   'polypeptide(L)'
_entity_poly.pdbx_seq_one_letter_code
;MFVLSGGRWEKTDLTYRILRFPWQLVREQVRQTVAEALQVWSEVTPLTFTEVHEGRADIMIDFARYWHGDNLPFDGPGGI
LAHAFFPKTHREGDVHFDYDETWTIGDNQGTDLLQVAAHEFGHVLGLQHTTAAKALMSPFYTFRYPLSLSPDDRRGIQHL
YGRPQ
;
_entity_poly.pdbx_strand_id   A,B,C,D,E,F
#
loop_
_chem_comp.id
_chem_comp.type
_chem_comp.name
_chem_comp.formula
CA non-polymer 'CALCIUM ION' 'Ca 2'
CPS non-polymer 3-[(3-CHOLAMIDOPROPYL)DIMETHYLAMMONIO]-1-PROPANESULFONATE 'C32 H58 N2 O7 S'
RXP non-polymer '1-BENZYLOXYCARBONYLAMINO-2-PHENYL-ETHYL)-{2-[1-CARBAMOYL-2-(1H-INDOL-3-YL)-ETHYLCARBAMOYL]-5-PHENYL-PENTYL}-PHOSPHINIC ACID' 'C39 H43 N4 O6 P'
ZN non-polymer 'ZINC ION' 'Zn 2'
#
# COMPACT_ATOMS: atom_id res chain seq x y z
N MET A 1 -2.81 9.81 -30.60
CA MET A 1 -4.28 9.64 -30.83
C MET A 1 -4.73 9.20 -32.25
N PHE A 2 -5.95 8.67 -32.25
CA PHE A 2 -6.69 8.21 -33.42
C PHE A 2 -7.97 8.98 -33.16
N VAL A 3 -8.58 9.50 -34.18
CA VAL A 3 -9.78 10.24 -33.92
C VAL A 3 -10.74 9.74 -34.96
N LEU A 4 -11.96 9.46 -34.53
CA LEU A 4 -12.97 8.98 -35.45
C LEU A 4 -13.35 10.18 -36.31
N SER A 5 -13.34 10.01 -37.62
CA SER A 5 -13.67 11.13 -38.51
C SER A 5 -14.09 10.74 -39.92
N GLY A 6 -15.36 11.05 -40.24
CA GLY A 6 -15.90 10.73 -41.54
C GLY A 6 -16.23 9.25 -41.55
N GLY A 7 -16.50 8.74 -40.36
CA GLY A 7 -16.83 7.33 -40.20
C GLY A 7 -15.58 6.45 -40.07
N ARG A 8 -14.41 7.06 -40.26
CA ARG A 8 -13.17 6.31 -40.19
C ARG A 8 -12.19 6.75 -39.10
N TRP A 9 -11.39 5.80 -38.60
CA TRP A 9 -10.39 6.12 -37.60
C TRP A 9 -9.19 6.64 -38.37
N GLU A 10 -8.95 7.94 -38.24
CA GLU A 10 -7.83 8.60 -38.91
C GLU A 10 -6.71 8.94 -37.93
N LYS A 11 -5.52 9.19 -38.47
CA LYS A 11 -4.36 9.53 -37.65
C LYS A 11 -4.31 11.05 -37.47
N THR A 12 -3.91 11.51 -36.30
CA THR A 12 -3.84 12.95 -36.05
C THR A 12 -2.44 13.53 -36.14
N ASP A 13 -1.44 12.66 -36.12
CA ASP A 13 -0.06 13.12 -36.21
C ASP A 13 0.27 13.28 -37.72
N LEU A 14 0.56 14.50 -38.14
CA LEU A 14 0.82 14.73 -39.57
C LEU A 14 2.21 15.32 -39.90
N THR A 15 2.59 15.17 -41.17
CA THR A 15 3.85 15.70 -41.68
C THR A 15 3.61 16.82 -42.70
N TYR A 16 4.62 17.66 -42.85
CA TYR A 16 4.59 18.73 -43.83
C TYR A 16 6.04 18.91 -44.29
N ARG A 17 6.20 19.42 -45.51
CA ARG A 17 7.50 19.65 -46.09
C ARG A 17 7.55 21.00 -46.82
N ILE A 18 8.60 21.78 -46.56
CA ILE A 18 8.78 23.05 -47.25
C ILE A 18 9.68 22.73 -48.45
N LEU A 19 9.12 22.79 -49.66
CA LEU A 19 9.84 22.48 -50.91
C LEU A 19 10.85 23.52 -51.36
N ARG A 20 10.46 24.80 -51.34
CA ARG A 20 11.35 25.89 -51.73
C ARG A 20 11.09 27.06 -50.78
N PHE A 21 12.08 27.91 -50.60
CA PHE A 21 11.93 29.04 -49.72
C PHE A 21 11.85 30.40 -50.41
N PRO A 22 11.31 31.42 -49.73
CA PRO A 22 11.23 32.77 -50.30
C PRO A 22 12.66 33.32 -50.23
N TRP A 23 13.06 34.17 -51.17
CA TRP A 23 14.44 34.67 -51.15
C TRP A 23 14.79 35.75 -50.12
N GLN A 24 13.80 36.54 -49.73
CA GLN A 24 14.00 37.62 -48.76
C GLN A 24 14.14 37.18 -47.30
N LEU A 25 13.86 35.92 -47.00
CA LEU A 25 13.97 35.46 -45.61
C LEU A 25 14.97 34.32 -45.43
N VAL A 26 15.68 34.31 -44.30
CA VAL A 26 16.63 33.23 -44.06
C VAL A 26 15.85 31.98 -43.68
N ARG A 27 16.27 30.83 -44.18
CA ARG A 27 15.58 29.56 -43.94
C ARG A 27 15.06 29.26 -42.51
N GLU A 28 15.91 29.43 -41.52
CA GLU A 28 15.52 29.12 -40.15
C GLU A 28 14.31 29.91 -39.70
N GLN A 29 14.21 31.16 -40.18
CA GLN A 29 13.10 32.01 -39.82
C GLN A 29 11.82 31.56 -40.51
N VAL A 30 11.94 31.08 -41.74
CA VAL A 30 10.80 30.61 -42.48
C VAL A 30 10.33 29.33 -41.83
N ARG A 31 11.28 28.50 -41.39
CA ARG A 31 10.91 27.25 -40.71
C ARG A 31 10.16 27.47 -39.40
N GLN A 32 10.65 28.38 -38.56
CA GLN A 32 10.01 28.66 -37.29
C GLN A 32 8.64 29.28 -37.48
N THR A 33 8.51 30.12 -38.51
CA THR A 33 7.25 30.78 -38.82
C THR A 33 6.22 29.73 -39.26
N VAL A 34 6.58 28.90 -40.23
CA VAL A 34 5.66 27.88 -40.67
C VAL A 34 5.19 27.02 -39.52
N ALA A 35 6.09 26.70 -38.61
CA ALA A 35 5.73 25.87 -37.48
C ALA A 35 4.79 26.57 -36.53
N GLU A 36 5.07 27.85 -36.31
CA GLU A 36 4.30 28.69 -35.43
C GLU A 36 2.89 28.94 -35.98
N ALA A 37 2.75 28.94 -37.30
CA ALA A 37 1.44 29.18 -37.91
C ALA A 37 0.59 27.90 -37.83
N LEU A 38 1.27 26.76 -37.82
CA LEU A 38 0.62 25.46 -37.76
C LEU A 38 0.24 25.21 -36.30
N GLN A 39 1.01 25.77 -35.38
CA GLN A 39 0.76 25.60 -33.97
C GLN A 39 -0.48 26.32 -33.48
N VAL A 40 -0.85 27.40 -34.15
CA VAL A 40 -2.06 28.11 -33.73
C VAL A 40 -3.27 27.20 -33.95
N TRP A 41 -3.16 26.25 -34.87
CA TRP A 41 -4.25 25.33 -35.13
C TRP A 41 -4.12 24.10 -34.29
N SER A 42 -2.91 23.61 -34.13
CA SER A 42 -2.70 22.41 -33.34
C SER A 42 -3.11 22.66 -31.86
N GLU A 43 -3.13 23.92 -31.44
CA GLU A 43 -3.52 24.21 -30.07
C GLU A 43 -5.00 24.00 -29.84
N VAL A 44 -5.81 24.13 -30.89
CA VAL A 44 -7.24 23.92 -30.71
C VAL A 44 -7.83 22.74 -31.49
N THR A 45 -6.98 21.76 -31.81
CA THR A 45 -7.41 20.57 -32.54
C THR A 45 -6.59 19.37 -32.07
N PRO A 46 -7.02 18.15 -32.41
CA PRO A 46 -6.28 16.97 -31.98
C PRO A 46 -5.00 16.69 -32.79
N LEU A 47 -4.73 17.54 -33.78
CA LEU A 47 -3.58 17.42 -34.69
C LEU A 47 -2.17 17.84 -34.20
N THR A 48 -1.15 17.15 -34.70
CA THR A 48 0.25 17.47 -34.43
C THR A 48 0.98 17.55 -35.78
N PHE A 49 2.03 18.35 -35.82
CA PHE A 49 2.78 18.55 -37.07
C PHE A 49 4.29 18.25 -37.00
N THR A 50 4.77 17.45 -37.93
CA THR A 50 6.19 17.13 -37.96
C THR A 50 6.83 17.50 -39.30
N GLU A 51 8.00 18.15 -39.27
CA GLU A 51 8.66 18.54 -40.50
C GLU A 51 9.52 17.41 -41.06
N VAL A 52 9.37 17.16 -42.35
CA VAL A 52 10.13 16.12 -43.04
C VAL A 52 10.88 16.84 -44.14
N HIS A 53 12.00 16.27 -44.58
CA HIS A 53 12.80 16.91 -45.61
C HIS A 53 12.92 16.15 -46.91
N GLU A 54 12.07 15.16 -47.08
CA GLU A 54 12.10 14.38 -48.30
C GLU A 54 10.77 13.70 -48.51
N GLY A 55 10.53 13.27 -49.74
CA GLY A 55 9.30 12.59 -50.07
C GLY A 55 8.06 13.40 -49.94
N ARG A 56 6.91 12.74 -50.08
CA ARG A 56 5.63 13.40 -49.96
C ARG A 56 5.11 13.32 -48.53
N ALA A 57 4.60 14.45 -48.06
CA ALA A 57 4.04 14.58 -46.73
C ALA A 57 2.51 14.89 -46.79
N ASP A 58 1.88 15.00 -45.63
CA ASP A 58 0.47 15.30 -45.61
C ASP A 58 0.22 16.74 -46.11
N ILE A 59 1.18 17.62 -45.85
CA ILE A 59 1.07 18.99 -46.31
C ILE A 59 2.33 19.37 -47.08
N MET A 60 2.17 19.69 -48.35
CA MET A 60 3.31 20.09 -49.17
C MET A 60 3.26 21.62 -49.36
N ILE A 61 4.31 22.27 -48.93
CA ILE A 61 4.42 23.73 -49.02
C ILE A 61 5.43 24.19 -50.08
N ASP A 62 5.02 25.12 -50.94
CA ASP A 62 5.94 25.63 -51.93
C ASP A 62 5.74 27.14 -52.18
N PHE A 63 6.83 27.76 -52.63
CA PHE A 63 6.87 29.18 -53.01
C PHE A 63 7.10 29.23 -54.52
N ALA A 64 6.05 29.52 -55.26
CA ALA A 64 6.13 29.55 -56.73
C ALA A 64 5.59 30.86 -57.29
N ARG A 65 5.88 31.05 -58.58
CA ARG A 65 5.45 32.24 -59.29
C ARG A 65 4.73 31.89 -60.58
N TYR A 66 3.68 32.64 -60.75
CA TYR A 66 2.82 32.59 -61.91
C TYR A 66 2.20 31.19 -62.09
N TRP A 67 2.09 30.83 -63.38
CA TRP A 67 2.22 29.21 -63.66
C TRP A 67 3.26 28.17 -63.22
N HIS A 68 2.86 27.34 -62.26
CA HIS A 68 3.74 26.30 -61.69
C HIS A 68 3.08 24.91 -61.76
N GLY A 69 2.19 24.80 -62.71
CA GLY A 69 1.52 23.53 -63.08
C GLY A 69 0.38 23.08 -62.15
N ASP A 70 -0.60 23.93 -61.91
CA ASP A 70 -1.73 23.48 -61.11
C ASP A 70 -3.03 24.20 -61.46
N ASN A 71 -2.96 25.03 -62.48
CA ASN A 71 -4.15 25.73 -63.00
C ASN A 71 -4.59 26.88 -62.09
N LEU A 72 -3.72 27.25 -61.19
CA LEU A 72 -3.94 28.38 -60.29
C LEU A 72 -2.71 29.26 -60.37
N PRO A 73 -2.49 29.94 -61.51
CA PRO A 73 -1.29 30.75 -61.68
C PRO A 73 -1.30 31.90 -60.74
N PHE A 74 -0.15 32.26 -60.22
CA PHE A 74 -0.04 33.44 -59.35
C PHE A 74 0.04 34.67 -60.28
N ASP A 75 -0.06 35.86 -59.70
CA ASP A 75 -0.14 37.10 -60.49
C ASP A 75 0.94 38.16 -60.16
N GLY A 76 2.10 37.72 -59.70
CA GLY A 76 3.21 38.66 -59.39
C GLY A 76 2.92 39.44 -58.09
N PRO A 77 3.67 40.53 -57.79
CA PRO A 77 3.49 41.28 -56.56
C PRO A 77 2.06 41.72 -56.36
N GLY A 78 1.59 41.58 -55.12
CA GLY A 78 0.22 41.95 -54.74
C GLY A 78 -0.78 40.89 -55.25
N GLY A 79 -2.05 41.28 -55.25
CA GLY A 79 -3.14 40.38 -55.69
C GLY A 79 -3.19 39.19 -54.73
N ILE A 80 -3.13 38.00 -55.31
CA ILE A 80 -3.12 36.77 -54.50
C ILE A 80 -1.73 36.61 -53.91
N LEU A 81 -1.71 36.18 -52.66
CA LEU A 81 -0.45 36.01 -51.93
C LEU A 81 -0.12 34.53 -51.77
N ALA A 82 -1.15 33.72 -51.82
CA ALA A 82 -1.02 32.27 -51.68
C ALA A 82 -2.38 31.62 -51.82
N HIS A 83 -2.34 30.32 -51.85
CA HIS A 83 -3.55 29.50 -51.92
C HIS A 83 -3.17 28.08 -51.55
N ALA A 84 -4.19 27.32 -51.22
CA ALA A 84 -4.02 25.92 -50.84
C ALA A 84 -5.13 25.11 -51.48
N PHE A 85 -4.76 23.96 -51.99
CA PHE A 85 -5.74 23.10 -52.66
C PHE A 85 -5.40 21.63 -52.47
N PHE A 86 -6.40 20.80 -52.65
CA PHE A 86 -6.26 19.35 -52.51
C PHE A 86 -6.12 18.72 -53.89
N PRO A 87 -4.92 18.25 -54.28
CA PRO A 87 -4.72 17.62 -55.57
C PRO A 87 -5.48 16.33 -55.59
N LYS A 88 -6.07 15.99 -56.72
CA LYS A 88 -6.84 14.74 -56.82
C LYS A 88 -5.93 13.49 -56.86
N THR A 89 -4.78 13.65 -57.49
CA THR A 89 -3.84 12.52 -57.73
C THR A 89 -2.85 12.28 -56.57
N HIS A 90 -2.98 13.03 -55.50
CA HIS A 90 -2.09 12.86 -54.34
C HIS A 90 -2.88 13.08 -53.07
N ARG A 91 -2.66 12.21 -52.10
CA ARG A 91 -3.35 12.34 -50.81
C ARG A 91 -2.63 13.36 -49.95
N GLU A 92 -2.76 14.63 -50.31
CA GLU A 92 -2.07 15.67 -49.57
C GLU A 92 -2.76 17.03 -49.69
N GLY A 93 -2.29 17.90 -48.84
CA GLY A 93 -2.72 19.29 -48.81
C GLY A 93 -1.60 20.14 -49.37
N ASP A 94 -1.88 20.82 -50.46
CA ASP A 94 -0.88 21.64 -51.13
C ASP A 94 -1.08 23.12 -50.82
N VAL A 95 0.00 23.74 -50.41
CA VAL A 95 0.00 25.17 -50.10
C VAL A 95 1.15 25.86 -50.81
N HIS A 96 0.78 26.85 -51.58
CA HIS A 96 1.75 27.62 -52.35
C HIS A 96 1.64 29.11 -52.03
N PHE A 97 2.78 29.66 -51.72
CA PHE A 97 2.93 31.10 -51.47
C PHE A 97 3.50 31.72 -52.73
N ASP A 98 2.99 32.89 -53.08
CA ASP A 98 3.47 33.58 -54.29
C ASP A 98 4.87 34.13 -53.99
N TYR A 99 5.85 33.54 -54.65
CA TYR A 99 7.23 33.92 -54.54
C TYR A 99 7.47 35.40 -54.85
N ASP A 100 6.58 36.01 -55.63
CA ASP A 100 6.79 37.42 -55.98
C ASP A 100 6.46 38.49 -54.94
N GLU A 101 5.95 38.08 -53.79
CA GLU A 101 5.63 39.07 -52.78
C GLU A 101 6.87 39.44 -51.99
N THR A 102 6.82 40.60 -51.34
CA THR A 102 7.90 41.03 -50.49
C THR A 102 7.59 40.40 -49.13
N TRP A 103 8.09 39.18 -48.95
CA TRP A 103 7.82 38.48 -47.71
C TRP A 103 8.56 39.03 -46.50
N THR A 104 7.82 39.27 -45.43
CA THR A 104 8.42 39.78 -44.20
C THR A 104 7.78 39.08 -43.00
N ILE A 105 8.35 39.34 -41.83
CA ILE A 105 7.86 38.75 -40.60
C ILE A 105 7.89 39.83 -39.53
N GLY A 106 6.73 40.12 -38.93
CA GLY A 106 6.67 41.14 -37.90
C GLY A 106 6.84 42.59 -38.32
N ASP A 107 6.73 42.88 -39.61
CA ASP A 107 6.86 44.24 -40.14
C ASP A 107 5.60 44.69 -40.87
N ASN A 108 4.95 45.72 -40.36
CA ASN A 108 3.69 46.17 -40.95
C ASN A 108 3.79 46.75 -42.35
N GLN A 109 5.00 46.86 -42.89
CA GLN A 109 5.18 47.39 -44.23
C GLN A 109 5.05 46.29 -45.29
N GLY A 110 5.77 45.17 -45.11
CA GLY A 110 5.73 44.07 -46.06
C GLY A 110 4.54 43.10 -45.96
N THR A 111 4.65 41.93 -46.59
CA THR A 111 3.55 40.96 -46.53
C THR A 111 3.94 39.88 -45.54
N ASP A 112 3.20 39.83 -44.43
CA ASP A 112 3.51 38.89 -43.38
C ASP A 112 3.30 37.40 -43.60
N LEU A 113 4.40 36.67 -43.61
CA LEU A 113 4.40 35.23 -43.83
C LEU A 113 3.61 34.45 -42.75
N LEU A 114 3.72 34.90 -41.50
CA LEU A 114 3.05 34.23 -40.39
C LEU A 114 1.55 34.24 -40.60
N GLN A 115 1.03 35.39 -41.00
CA GLN A 115 -0.38 35.50 -41.22
C GLN A 115 -0.89 34.77 -42.45
N VAL A 116 -0.18 34.91 -43.57
CA VAL A 116 -0.63 34.24 -44.79
C VAL A 116 -0.56 32.73 -44.60
N ALA A 117 0.50 32.28 -43.94
CA ALA A 117 0.65 30.86 -43.71
C ALA A 117 -0.45 30.32 -42.77
N ALA A 118 -0.76 31.03 -41.70
CA ALA A 118 -1.80 30.60 -40.74
C ALA A 118 -3.13 30.53 -41.48
N HIS A 119 -3.31 31.45 -42.40
CA HIS A 119 -4.51 31.51 -43.18
C HIS A 119 -4.61 30.29 -44.10
N GLU A 120 -3.52 29.96 -44.79
CA GLU A 120 -3.52 28.80 -45.68
C GLU A 120 -3.65 27.49 -44.93
N PHE A 121 -3.00 27.39 -43.76
CA PHE A 121 -3.14 26.17 -43.00
C PHE A 121 -4.59 26.03 -42.54
N GLY A 122 -5.28 27.17 -42.40
CA GLY A 122 -6.68 27.17 -42.02
C GLY A 122 -7.49 26.46 -43.10
N HIS A 123 -7.18 26.76 -44.36
CA HIS A 123 -7.87 26.11 -45.47
C HIS A 123 -7.58 24.63 -45.46
N VAL A 124 -6.30 24.29 -45.41
CA VAL A 124 -5.91 22.91 -45.42
C VAL A 124 -6.68 22.13 -44.40
N LEU A 125 -6.96 22.74 -43.26
CA LEU A 125 -7.69 22.04 -42.22
C LEU A 125 -9.22 22.07 -42.39
N GLY A 126 -9.69 22.66 -43.49
CA GLY A 126 -11.11 22.68 -43.76
C GLY A 126 -11.93 23.97 -43.62
N LEU A 127 -11.39 25.01 -42.99
CA LEU A 127 -12.15 26.23 -42.81
C LEU A 127 -12.30 27.00 -44.11
N GLN A 128 -13.35 27.82 -44.16
CA GLN A 128 -13.63 28.66 -45.32
C GLN A 128 -13.64 30.10 -44.83
N HIS A 129 -13.91 31.05 -45.71
CA HIS A 129 -13.90 32.43 -45.29
C HIS A 129 -15.01 32.80 -44.34
N THR A 130 -14.85 33.97 -43.73
CA THR A 130 -15.81 34.53 -42.78
C THR A 130 -15.83 36.01 -43.06
N THR A 131 -16.87 36.69 -42.59
CA THR A 131 -16.96 38.12 -42.82
C THR A 131 -16.35 38.92 -41.68
N ALA A 132 -16.01 38.25 -40.58
CA ALA A 132 -15.36 38.94 -39.45
C ALA A 132 -14.05 39.53 -39.99
N ALA A 133 -13.91 40.87 -39.93
CA ALA A 133 -12.71 41.56 -40.47
C ALA A 133 -11.40 41.14 -39.85
N LYS A 134 -11.34 41.10 -38.52
CA LYS A 134 -10.11 40.70 -37.85
C LYS A 134 -10.03 39.21 -37.55
N ALA A 135 -10.45 38.40 -38.51
CA ALA A 135 -10.43 36.96 -38.37
C ALA A 135 -9.29 36.40 -39.19
N LEU A 136 -8.69 35.32 -38.71
CA LEU A 136 -7.60 34.70 -39.43
C LEU A 136 -8.06 34.23 -40.80
N MET A 137 -9.34 33.92 -40.91
CA MET A 137 -9.87 33.40 -42.14
C MET A 137 -10.61 34.39 -43.02
N SER A 138 -10.32 35.66 -42.80
CA SER A 138 -10.94 36.69 -43.60
C SER A 138 -10.33 36.51 -44.98
N PRO A 139 -11.03 36.92 -46.03
CA PRO A 139 -10.52 36.79 -47.40
C PRO A 139 -9.39 37.78 -47.69
N PHE A 140 -9.37 38.89 -46.94
CA PHE A 140 -8.41 39.98 -47.15
C PHE A 140 -7.34 40.10 -46.08
N TYR A 141 -6.12 40.38 -46.52
CA TYR A 141 -5.00 40.50 -45.62
C TYR A 141 -4.74 41.89 -45.15
N THR A 142 -4.57 42.02 -43.84
CA THR A 142 -4.22 43.28 -43.20
C THR A 142 -3.21 42.88 -42.11
N PHE A 143 -2.12 43.63 -41.96
CA PHE A 143 -1.13 43.30 -40.96
C PHE A 143 -1.82 43.28 -39.60
N ARG A 144 -1.69 42.17 -38.88
CA ARG A 144 -2.36 42.03 -37.58
C ARG A 144 -1.56 41.19 -36.59
N TYR A 145 -1.13 41.81 -35.50
CA TYR A 145 -0.33 41.13 -34.48
C TYR A 145 -0.83 41.43 -33.07
N PRO A 146 -0.71 40.46 -32.17
CA PRO A 146 -0.16 39.11 -32.44
C PRO A 146 -1.10 38.18 -33.25
N LEU A 147 -0.55 37.06 -33.70
CA LEU A 147 -1.30 36.06 -34.46
C LEU A 147 -2.15 35.39 -33.39
N SER A 148 -3.46 35.44 -33.58
CA SER A 148 -4.37 34.87 -32.60
C SER A 148 -5.70 34.51 -33.23
N LEU A 149 -6.31 33.42 -32.77
CA LEU A 149 -7.64 33.03 -33.25
C LEU A 149 -8.69 33.97 -32.68
N SER A 150 -9.54 34.49 -33.55
CA SER A 150 -10.62 35.38 -33.15
C SER A 150 -11.78 34.44 -32.80
N PRO A 151 -12.78 34.92 -32.04
CA PRO A 151 -13.92 34.06 -31.67
C PRO A 151 -14.53 33.35 -32.87
N ASP A 152 -14.70 34.06 -33.99
CA ASP A 152 -15.24 33.48 -35.19
C ASP A 152 -14.31 32.34 -35.66
N ASP A 153 -13.01 32.46 -35.39
CA ASP A 153 -12.11 31.39 -35.80
C ASP A 153 -12.25 30.16 -34.91
N ARG A 154 -12.37 30.35 -33.60
CA ARG A 154 -12.52 29.20 -32.69
C ARG A 154 -13.85 28.49 -32.96
N ARG A 155 -14.89 29.27 -33.24
CA ARG A 155 -16.21 28.68 -33.54
C ARG A 155 -16.09 27.85 -34.81
N GLY A 156 -15.37 28.38 -35.80
CA GLY A 156 -15.20 27.67 -37.04
C GLY A 156 -14.54 26.32 -36.82
N ILE A 157 -13.53 26.28 -35.98
CA ILE A 157 -12.83 25.04 -35.70
C ILE A 157 -13.74 24.08 -34.94
N GLN A 158 -14.44 24.62 -33.95
CA GLN A 158 -15.38 23.85 -33.13
C GLN A 158 -16.52 23.31 -33.99
N HIS A 159 -16.76 23.92 -35.14
CA HIS A 159 -17.82 23.46 -36.00
C HIS A 159 -17.33 22.27 -36.83
N LEU A 160 -16.11 22.36 -37.33
CA LEU A 160 -15.54 21.28 -38.13
C LEU A 160 -14.99 20.15 -37.29
N TYR A 161 -14.39 20.47 -36.15
CA TYR A 161 -13.86 19.46 -35.26
C TYR A 161 -14.74 19.48 -34.01
N GLY A 162 -14.58 18.52 -33.12
CA GLY A 162 -15.39 18.52 -31.91
C GLY A 162 -15.34 19.86 -31.15
N MET B 1 18.91 8.05 56.21
CA MET B 1 19.81 7.65 55.08
C MET B 1 19.05 7.33 53.80
N PHE B 2 17.72 7.20 53.94
CA PHE B 2 16.87 6.88 52.80
C PHE B 2 15.59 7.69 52.87
N VAL B 3 15.03 8.02 51.72
CA VAL B 3 13.79 8.79 51.66
C VAL B 3 12.79 8.18 50.70
N LEU B 4 11.50 8.22 51.06
CA LEU B 4 10.45 7.71 50.18
C LEU B 4 10.08 8.88 49.27
N SER B 5 10.50 8.84 48.01
CA SER B 5 10.19 9.92 47.06
C SER B 5 9.67 9.34 45.74
N GLY B 6 8.41 9.63 45.44
CA GLY B 6 7.84 9.13 44.20
C GLY B 6 7.63 7.62 44.27
N GLY B 7 7.26 7.14 45.46
CA GLY B 7 7.00 5.73 45.67
C GLY B 7 8.23 4.82 45.70
N ARG B 8 9.44 5.40 45.74
CA ARG B 8 10.67 4.61 45.77
C ARG B 8 11.66 5.13 46.79
N TRP B 9 12.40 4.23 47.44
CA TRP B 9 13.39 4.67 48.42
C TRP B 9 14.64 5.19 47.74
N GLU B 10 14.92 6.47 47.96
CA GLU B 10 16.09 7.11 47.37
C GLU B 10 17.11 7.48 48.43
N LYS B 11 18.35 7.73 48.00
CA LYS B 11 19.45 8.09 48.90
C LYS B 11 19.46 9.59 49.24
N THR B 12 20.05 9.93 50.39
CA THR B 12 20.15 11.34 50.83
C THR B 12 21.62 11.74 50.87
N ASP B 13 22.51 10.78 50.61
CA ASP B 13 23.94 11.06 50.59
C ASP B 13 24.35 11.22 49.11
N LEU B 14 24.57 12.46 48.68
CA LEU B 14 24.93 12.77 47.29
C LEU B 14 26.38 13.18 47.03
N THR B 15 26.77 13.14 45.77
CA THR B 15 28.12 13.57 45.36
C THR B 15 28.02 14.70 44.35
N TYR B 16 29.07 15.52 44.30
CA TYR B 16 29.14 16.63 43.36
C TYR B 16 30.60 16.83 42.97
N ARG B 17 30.80 17.40 41.79
CA ARG B 17 32.13 17.66 41.27
C ARG B 17 32.18 19.01 40.54
N ILE B 18 33.19 19.81 40.86
CA ILE B 18 33.35 21.10 40.19
C ILE B 18 34.33 20.81 39.03
N LEU B 19 33.80 20.82 37.81
CA LEU B 19 34.61 20.52 36.63
C LEU B 19 35.61 21.61 36.30
N ARG B 20 35.10 22.83 36.24
CA ARG B 20 35.91 24.00 35.94
C ARG B 20 35.54 25.18 36.85
N PHE B 21 36.49 26.10 36.98
CA PHE B 21 36.34 27.27 37.82
C PHE B 21 36.29 28.63 37.11
N PRO B 22 35.77 29.67 37.81
CA PRO B 22 35.67 31.03 37.25
C PRO B 22 37.09 31.58 37.41
N TRP B 23 37.50 32.49 36.54
CA TRP B 23 38.87 32.99 36.64
C TRP B 23 39.11 34.03 37.73
N GLN B 24 38.07 34.77 38.07
CA GLN B 24 38.19 35.81 39.08
C GLN B 24 38.53 35.36 40.49
N LEU B 25 38.16 34.12 40.84
CA LEU B 25 38.38 33.65 42.21
C LEU B 25 39.37 32.50 42.37
N VAL B 26 39.93 32.41 43.58
CA VAL B 26 40.87 31.36 43.91
C VAL B 26 40.04 30.06 44.01
N ARG B 27 40.61 28.93 43.62
CA ARG B 27 39.86 27.68 43.66
C ARG B 27 39.34 27.23 45.01
N GLU B 28 40.17 27.36 46.03
CA GLU B 28 39.76 26.93 47.36
C GLU B 28 38.52 27.66 47.88
N GLN B 29 38.40 28.93 47.53
CA GLN B 29 37.28 29.73 47.98
C GLN B 29 36.03 29.36 47.19
N VAL B 30 36.22 28.86 45.98
CA VAL B 30 35.09 28.48 45.17
C VAL B 30 34.50 27.20 45.77
N ARG B 31 35.38 26.28 46.14
CA ARG B 31 34.98 25.04 46.78
C ARG B 31 34.19 25.38 48.05
N GLN B 32 34.75 26.26 48.86
CA GLN B 32 34.06 26.66 50.08
C GLN B 32 32.68 27.26 49.80
N THR B 33 32.61 28.19 48.86
CA THR B 33 31.36 28.82 48.52
C THR B 33 30.37 27.78 48.04
N VAL B 34 30.79 26.88 47.16
CA VAL B 34 29.90 25.83 46.67
C VAL B 34 29.38 24.98 47.80
N ALA B 35 30.28 24.51 48.67
CA ALA B 35 29.90 23.68 49.83
C ALA B 35 28.87 24.39 50.70
N GLU B 36 29.11 25.68 50.92
CA GLU B 36 28.23 26.49 51.73
C GLU B 36 26.84 26.67 51.09
N ALA B 37 26.80 26.83 49.78
CA ALA B 37 25.52 27.00 49.08
C ALA B 37 24.78 25.68 49.09
N LEU B 38 25.52 24.59 49.27
CA LEU B 38 24.94 23.25 49.30
C LEU B 38 24.38 23.00 50.71
N GLN B 39 25.06 23.55 51.69
CA GLN B 39 24.69 23.36 53.09
C GLN B 39 23.44 24.14 53.49
N VAL B 40 23.18 25.25 52.84
CA VAL B 40 22.01 26.00 53.19
C VAL B 40 20.80 25.08 52.97
N TRP B 41 20.96 24.08 52.11
CA TRP B 41 19.87 23.13 51.86
C TRP B 41 20.02 21.87 52.70
N SER B 42 21.26 21.44 52.94
CA SER B 42 21.39 20.23 53.73
C SER B 42 21.14 20.40 55.23
N GLU B 43 21.09 21.64 55.72
CA GLU B 43 20.84 21.86 57.15
C GLU B 43 19.43 21.48 57.56
N VAL B 44 18.44 21.83 56.73
CA VAL B 44 17.04 21.57 57.04
C VAL B 44 16.53 20.23 56.48
N THR B 45 17.47 19.39 56.04
CA THR B 45 17.14 18.08 55.47
C THR B 45 18.22 17.08 55.87
N PRO B 46 18.01 15.80 55.56
CA PRO B 46 19.07 14.85 55.95
C PRO B 46 20.11 14.71 54.84
N LEU B 47 19.94 15.51 53.79
CA LEU B 47 20.87 15.54 52.66
C LEU B 47 22.29 15.74 53.15
N THR B 48 23.21 15.11 52.44
CA THR B 48 24.63 15.19 52.73
C THR B 48 25.30 15.22 51.36
N PHE B 49 26.27 16.11 51.19
CA PHE B 49 26.99 16.23 49.93
C PHE B 49 28.47 15.99 50.14
N THR B 50 29.10 15.32 49.20
CA THR B 50 30.51 15.01 49.30
C THR B 50 31.13 15.32 47.95
N GLU B 51 32.25 16.04 47.96
CA GLU B 51 32.93 16.39 46.73
C GLU B 51 33.95 15.33 46.28
N VAL B 52 33.90 14.96 45.01
CA VAL B 52 34.80 14.00 44.42
C VAL B 52 35.58 14.74 43.32
N HIS B 53 36.72 14.20 42.89
CA HIS B 53 37.51 14.89 41.87
C HIS B 53 37.71 14.18 40.54
N GLU B 54 36.91 13.14 40.30
CA GLU B 54 36.98 12.38 39.04
C GLU B 54 35.67 11.65 38.84
N GLY B 55 35.48 11.10 37.65
CA GLY B 55 34.24 10.37 37.37
C GLY B 55 33.03 11.27 37.43
N ARG B 56 31.87 10.70 37.23
CA ARG B 56 30.66 11.49 37.27
C ARG B 56 30.02 11.44 38.67
N ALA B 57 29.52 12.58 39.12
CA ALA B 57 28.88 12.71 40.42
C ALA B 57 27.36 12.83 40.22
N ASP B 58 26.61 12.91 41.31
CA ASP B 58 25.16 13.05 41.23
C ASP B 58 24.83 14.46 40.74
N ILE B 59 25.69 15.40 41.11
CA ILE B 59 25.54 16.79 40.74
C ILE B 59 26.83 17.26 40.09
N MET B 60 26.73 17.65 38.82
CA MET B 60 27.89 18.09 38.05
C MET B 60 27.92 19.59 37.77
N ILE B 61 28.95 20.25 38.28
CA ILE B 61 29.10 21.69 38.15
C ILE B 61 30.16 22.15 37.15
N ASP B 62 29.76 23.08 36.29
CA ASP B 62 30.68 23.61 35.30
C ASP B 62 30.49 25.11 35.09
N PHE B 63 31.55 25.74 34.61
CA PHE B 63 31.53 27.16 34.28
C PHE B 63 31.70 27.14 32.74
N ALA B 64 30.77 27.74 32.01
CA ALA B 64 30.80 27.69 30.52
C ALA B 64 30.29 28.97 29.85
N ARG B 65 30.50 29.02 28.54
CA ARG B 65 30.17 30.19 27.72
C ARG B 65 29.15 29.88 26.61
N TYR B 66 29.31 30.47 25.47
CA TYR B 66 28.23 30.50 24.46
C TYR B 66 27.44 29.28 24.15
N TRP B 67 28.04 28.42 23.52
CA TRP B 67 27.40 27.20 23.21
C TRP B 67 28.31 26.30 23.75
N HIS B 68 27.86 25.57 24.62
CA HIS B 68 28.80 24.74 25.17
C HIS B 68 28.33 23.30 25.15
N GLY B 69 27.50 22.99 24.15
CA GLY B 69 27.02 21.63 23.97
C GLY B 69 25.76 21.12 24.63
N ASP B 70 24.72 21.93 24.77
CA ASP B 70 23.49 21.42 25.40
C ASP B 70 22.27 22.21 25.04
N ASN B 71 22.34 22.87 23.88
CA ASN B 71 21.27 23.73 23.36
C ASN B 71 20.58 24.55 24.45
N LEU B 72 21.41 25.16 25.28
CA LEU B 72 20.98 26.03 26.38
C LEU B 72 22.11 27.05 26.51
N PRO B 73 22.48 27.72 25.39
CA PRO B 73 23.55 28.73 25.31
C PRO B 73 23.51 29.93 26.27
N PHE B 74 24.69 30.36 26.72
CA PHE B 74 24.76 31.52 27.59
C PHE B 74 24.84 32.79 26.75
N ASP B 75 24.80 33.95 27.40
CA ASP B 75 24.79 35.22 26.69
C ASP B 75 25.81 36.28 27.12
N GLY B 76 27.01 35.87 27.57
CA GLY B 76 27.97 36.85 28.01
C GLY B 76 27.59 37.52 29.33
N PRO B 77 28.22 38.66 29.69
CA PRO B 77 27.93 39.39 30.95
C PRO B 77 26.46 39.69 31.14
N GLY B 78 25.97 39.63 32.39
CA GLY B 78 24.57 39.92 32.66
C GLY B 78 23.62 38.89 32.06
N GLY B 79 22.33 39.21 32.03
CA GLY B 79 21.35 38.26 31.50
C GLY B 79 21.26 37.01 32.33
N ILE B 80 21.31 35.85 31.68
CA ILE B 80 21.28 34.56 32.38
C ILE B 80 22.61 34.41 33.11
N LEU B 81 22.57 34.03 34.39
CA LEU B 81 23.78 33.87 35.21
C LEU B 81 24.19 32.39 35.34
N ALA B 82 23.21 31.51 35.36
CA ALA B 82 23.48 30.11 35.48
C ALA B 82 22.18 29.34 35.23
N HIS B 83 22.30 28.03 35.18
CA HIS B 83 21.14 27.23 34.99
C HIS B 83 21.44 25.80 35.34
N ALA B 84 20.37 25.04 35.55
CA ALA B 84 20.47 23.65 35.93
C ALA B 84 19.45 22.88 35.16
N PHE B 85 19.84 21.69 34.73
CA PHE B 85 18.94 20.84 33.97
C PHE B 85 19.35 19.39 34.17
N PHE B 86 18.41 18.50 33.93
CA PHE B 86 18.69 17.09 34.11
C PHE B 86 18.86 16.45 32.75
N PRO B 87 20.10 16.18 32.37
CA PRO B 87 20.40 15.64 31.08
C PRO B 87 19.80 14.31 30.89
N LYS B 88 19.14 14.21 29.77
CA LYS B 88 18.59 12.96 29.33
C LYS B 88 19.59 11.86 29.62
N THR B 89 20.42 11.68 28.76
CA THR B 89 21.40 10.65 28.75
C THR B 89 22.38 10.51 29.97
N HIS B 90 22.19 11.16 31.09
CA HIS B 90 23.13 10.95 32.23
C HIS B 90 22.38 11.17 33.54
N ARG B 91 22.33 10.13 34.34
CA ARG B 91 21.65 10.22 35.63
C ARG B 91 22.50 11.03 36.60
N GLU B 92 22.48 12.31 36.31
CA GLU B 92 23.19 13.34 37.06
C GLU B 92 22.45 14.65 36.88
N GLY B 93 22.74 15.60 37.75
CA GLY B 93 22.14 16.91 37.63
C GLY B 93 23.26 17.81 37.13
N ASP B 94 22.99 18.60 36.13
CA ASP B 94 24.02 19.48 35.61
C ASP B 94 23.77 20.93 36.01
N VAL B 95 24.78 21.56 36.61
CA VAL B 95 24.67 22.94 37.03
C VAL B 95 25.75 23.76 36.34
N HIS B 96 25.35 24.73 35.52
CA HIS B 96 26.32 25.55 34.81
C HIS B 96 26.22 27.06 35.12
N PHE B 97 27.35 27.62 35.49
CA PHE B 97 27.44 29.02 35.80
C PHE B 97 28.05 29.67 34.56
N ASP B 98 27.59 30.88 34.24
CA ASP B 98 28.10 31.58 33.05
C ASP B 98 29.45 32.21 33.40
N TYR B 99 30.48 31.64 32.80
CA TYR B 99 31.86 32.05 32.96
C TYR B 99 32.07 33.55 32.67
N ASP B 100 31.14 34.16 31.94
CA ASP B 100 31.28 35.57 31.60
C ASP B 100 30.80 36.57 32.62
N GLU B 101 30.30 36.12 33.75
CA GLU B 101 29.87 37.08 34.75
C GLU B 101 31.11 37.51 35.51
N THR B 102 31.04 38.64 36.20
CA THR B 102 32.18 39.03 37.02
C THR B 102 31.83 38.39 38.35
N TRP B 103 32.34 37.19 38.57
CA TRP B 103 32.06 36.47 39.79
C TRP B 103 32.77 37.04 41.01
N THR B 104 32.00 37.24 42.08
CA THR B 104 32.57 37.74 43.34
C THR B 104 31.96 36.95 44.47
N ILE B 105 32.49 37.13 45.66
CA ILE B 105 31.98 36.38 46.79
C ILE B 105 31.84 37.26 48.03
N GLY B 106 30.70 37.95 48.10
CA GLY B 106 30.40 38.83 49.20
C GLY B 106 30.49 40.29 48.84
N ASP B 107 30.43 40.62 47.54
CA ASP B 107 30.53 42.01 47.11
C ASP B 107 29.33 42.47 46.29
N ASN B 108 28.59 43.46 46.80
CA ASN B 108 27.37 43.95 46.16
C ASN B 108 27.49 44.61 44.79
N GLN B 109 28.64 44.51 44.14
CA GLN B 109 28.75 45.15 42.83
C GLN B 109 28.68 44.12 41.73
N GLY B 110 29.38 43.01 41.94
CA GLY B 110 29.41 41.94 40.95
C GLY B 110 28.24 41.00 41.09
N THR B 111 28.50 39.73 40.78
CA THR B 111 27.48 38.71 40.87
C THR B 111 27.99 37.73 41.90
N ASP B 112 27.29 37.67 43.02
CA ASP B 112 27.68 36.80 44.12
C ASP B 112 27.48 35.33 43.75
N LEU B 113 28.56 34.56 43.77
CA LEU B 113 28.51 33.14 43.42
C LEU B 113 27.76 32.31 44.48
N LEU B 114 27.77 32.78 45.71
CA LEU B 114 27.10 32.08 46.80
C LEU B 114 25.60 32.06 46.52
N GLN B 115 25.04 33.20 46.16
CA GLN B 115 23.63 33.25 45.90
C GLN B 115 23.16 32.53 44.65
N VAL B 116 23.90 32.67 43.55
CA VAL B 116 23.52 32.00 42.33
C VAL B 116 23.70 30.49 42.49
N ALA B 117 24.72 30.09 43.22
CA ALA B 117 24.98 28.68 43.43
C ALA B 117 23.83 28.11 44.23
N ALA B 118 23.59 28.70 45.40
CA ALA B 118 22.54 28.27 46.31
C ALA B 118 21.21 28.17 45.60
N HIS B 119 20.99 29.11 44.69
CA HIS B 119 19.77 29.14 43.91
C HIS B 119 19.72 28.00 42.90
N GLU B 120 20.84 27.75 42.24
CA GLU B 120 20.92 26.69 41.25
C GLU B 120 20.84 25.33 41.90
N PHE B 121 21.38 25.21 43.10
CA PHE B 121 21.36 23.92 43.75
C PHE B 121 19.96 23.57 44.15
N GLY B 122 19.12 24.60 44.32
CA GLY B 122 17.74 24.33 44.67
C GLY B 122 17.08 23.71 43.46
N HIS B 123 17.39 24.25 42.30
CA HIS B 123 16.83 23.71 41.07
C HIS B 123 17.21 22.28 40.90
N VAL B 124 18.51 22.01 40.95
CA VAL B 124 19.01 20.68 40.74
C VAL B 124 18.45 19.67 41.76
N LEU B 125 18.00 20.17 42.90
CA LEU B 125 17.46 19.28 43.93
C LEU B 125 15.95 19.05 43.77
N GLY B 126 15.36 19.64 42.73
CA GLY B 126 13.93 19.46 42.50
C GLY B 126 12.99 20.64 42.73
N LEU B 127 13.51 21.74 43.28
CA LEU B 127 12.71 22.93 43.55
C LEU B 127 12.50 23.82 42.34
N GLN B 128 11.32 24.45 42.29
CA GLN B 128 10.93 25.38 41.23
C GLN B 128 10.87 26.80 41.77
N HIS B 129 10.48 27.74 40.92
CA HIS B 129 10.39 29.13 41.33
C HIS B 129 9.25 29.43 42.27
N THR B 130 9.38 30.55 42.96
CA THR B 130 8.38 31.04 43.89
C THR B 130 8.34 32.54 43.67
N THR B 131 7.35 33.20 44.23
CA THR B 131 7.26 34.64 44.03
C THR B 131 7.40 35.47 45.30
N ALA B 132 7.68 34.81 46.43
CA ALA B 132 7.87 35.53 47.69
C ALA B 132 8.91 36.66 47.52
N ALA B 133 8.88 37.66 48.41
CA ALA B 133 9.79 38.81 48.35
C ALA B 133 11.28 38.45 48.44
N LYS B 134 11.70 38.01 49.62
CA LYS B 134 13.10 37.62 49.82
C LYS B 134 13.25 36.10 49.82
N ALA B 135 12.97 35.54 48.63
CA ALA B 135 13.05 34.11 48.39
C ALA B 135 14.33 33.75 47.61
N LEU B 136 15.05 32.74 48.10
CA LEU B 136 16.27 32.25 47.48
C LEU B 136 15.94 31.82 46.07
N MET B 137 14.71 31.32 45.90
CA MET B 137 14.24 30.84 44.61
C MET B 137 13.49 31.83 43.75
N SER B 138 13.63 33.12 44.00
CA SER B 138 12.97 34.08 43.16
C SER B 138 13.57 33.89 41.77
N PRO B 139 12.91 34.43 40.74
CA PRO B 139 13.56 34.19 39.45
C PRO B 139 14.66 35.22 39.22
N PHE B 140 14.69 36.25 40.07
CA PHE B 140 15.66 37.30 39.89
C PHE B 140 16.70 37.42 40.97
N TYR B 141 17.93 37.65 40.54
CA TYR B 141 19.02 37.81 41.47
C TYR B 141 18.95 39.19 42.08
N THR B 142 19.15 39.23 43.39
CA THR B 142 19.19 40.47 44.19
C THR B 142 20.19 40.15 45.29
N PHE B 143 21.18 41.04 45.48
CA PHE B 143 22.20 40.83 46.50
C PHE B 143 21.53 40.90 47.89
N ARG B 144 21.69 39.84 48.66
CA ARG B 144 21.07 39.71 49.97
C ARG B 144 22.00 38.83 50.77
N TYR B 145 22.69 39.41 51.76
CA TYR B 145 23.67 38.58 52.42
C TYR B 145 23.55 37.62 53.57
N PRO B 146 23.11 38.02 54.79
CA PRO B 146 23.15 36.75 55.55
C PRO B 146 22.23 35.82 54.73
N LEU B 147 22.83 34.80 54.11
CA LEU B 147 22.10 33.85 53.26
C LEU B 147 21.23 32.93 54.09
N SER B 148 19.96 32.84 53.72
CA SER B 148 19.07 31.98 54.48
C SER B 148 17.77 31.62 53.76
N LEU B 149 17.27 30.43 54.06
CA LEU B 149 16.03 29.97 53.44
C LEU B 149 14.85 30.76 53.98
N SER B 150 13.79 30.82 53.20
CA SER B 150 12.58 31.50 53.61
C SER B 150 11.67 30.35 54.03
N PRO B 151 10.50 30.65 54.63
CA PRO B 151 9.60 29.56 55.03
C PRO B 151 9.31 28.60 53.86
N ASP B 152 9.27 29.13 52.63
CA ASP B 152 9.00 28.34 51.43
C ASP B 152 10.16 27.41 51.07
N ASP B 153 11.34 27.99 50.97
CA ASP B 153 12.54 27.24 50.65
C ASP B 153 12.58 26.08 51.62
N ARG B 154 12.40 26.40 52.89
CA ARG B 154 12.43 25.41 53.95
C ARG B 154 11.40 24.30 53.76
N ARG B 155 10.17 24.68 53.45
CA ARG B 155 9.13 23.67 53.28
C ARG B 155 9.34 22.83 52.02
N GLY B 156 9.40 23.48 50.87
CA GLY B 156 9.58 22.78 49.61
C GLY B 156 10.74 21.80 49.55
N ILE B 157 11.85 22.12 50.21
CA ILE B 157 13.01 21.22 50.19
C ILE B 157 12.73 20.01 51.06
N GLN B 158 12.06 20.26 52.18
CA GLN B 158 11.73 19.20 53.14
C GLN B 158 10.62 18.32 52.60
N HIS B 159 9.84 18.86 51.68
CA HIS B 159 8.77 18.07 51.07
C HIS B 159 9.41 17.02 50.15
N LEU B 160 10.66 17.23 49.76
CA LEU B 160 11.30 16.27 48.87
C LEU B 160 12.28 15.36 49.59
N TYR B 161 12.95 15.89 50.60
CA TYR B 161 13.92 15.09 51.33
C TYR B 161 13.61 14.92 52.81
N GLY B 162 12.44 15.42 53.24
CA GLY B 162 12.05 15.32 54.64
C GLY B 162 12.91 16.15 55.60
N ARG B 163 12.49 16.23 56.86
CA ARG B 163 13.23 16.99 57.87
C ARG B 163 14.41 16.18 58.40
N PRO B 164 15.32 16.80 59.16
CA PRO B 164 16.42 15.95 59.64
C PRO B 164 15.96 15.05 60.79
N MET C 1 6.21 12.08 -39.65
CA MET C 1 6.34 11.02 -38.63
C MET C 1 6.17 9.63 -39.36
N PHE C 2 6.73 8.64 -38.72
CA PHE C 2 6.72 7.16 -39.03
C PHE C 2 7.27 6.77 -40.40
N VAL C 3 6.85 5.80 -41.10
CA VAL C 3 7.64 5.57 -42.24
C VAL C 3 7.36 6.00 -43.65
N LEU C 4 8.44 6.29 -44.37
CA LEU C 4 8.38 6.68 -45.77
C LEU C 4 8.22 5.35 -46.51
N SER C 5 7.27 5.29 -47.44
CA SER C 5 7.01 4.07 -48.19
C SER C 5 6.19 4.36 -49.44
N GLY C 6 6.71 4.02 -50.60
CA GLY C 6 5.98 4.32 -51.81
C GLY C 6 6.09 5.80 -52.07
N GLY C 7 7.13 6.41 -51.51
CA GLY C 7 7.35 7.82 -51.71
C GLY C 7 6.60 8.77 -50.79
N ARG C 8 5.71 8.24 -49.96
CA ARG C 8 4.95 9.07 -49.04
C ARG C 8 5.12 8.69 -47.57
N TRP C 9 5.16 9.70 -46.71
CA TRP C 9 5.30 9.42 -45.28
C TRP C 9 3.99 8.88 -44.72
N GLU C 10 4.00 7.62 -44.29
CA GLU C 10 2.81 6.96 -43.77
C GLU C 10 2.88 6.70 -42.28
N LYS C 11 1.70 6.54 -41.67
CA LYS C 11 1.61 6.23 -40.24
C LYS C 11 1.78 4.71 -40.11
N THR C 12 2.47 4.27 -39.07
CA THR C 12 2.69 2.84 -38.86
C THR C 12 1.81 2.26 -37.76
N ASP C 13 1.02 3.12 -37.12
CA ASP C 13 0.09 2.70 -36.08
C ASP C 13 -1.25 2.44 -36.78
N LEU C 14 -1.75 1.22 -36.64
CA LEU C 14 -2.98 0.82 -37.31
C LEU C 14 -4.08 0.40 -36.37
N THR C 15 -5.30 0.44 -36.91
CA THR C 15 -6.48 0.03 -36.16
C THR C 15 -7.10 -1.20 -36.83
N TYR C 16 -7.80 -2.00 -36.04
CA TYR C 16 -8.50 -3.18 -36.57
C TYR C 16 -9.73 -3.38 -35.72
N ARG C 17 -10.77 -3.87 -36.37
CA ARG C 17 -12.03 -4.13 -35.72
C ARG C 17 -12.58 -5.52 -36.10
N ILE C 18 -13.10 -6.23 -35.12
CA ILE C 18 -13.69 -7.54 -35.36
C ILE C 18 -15.20 -7.27 -35.44
N LEU C 19 -15.78 -7.44 -36.62
CA LEU C 19 -17.20 -7.20 -36.80
C LEU C 19 -18.08 -8.27 -36.19
N ARG C 20 -17.78 -9.52 -36.47
CA ARG C 20 -18.56 -10.62 -35.93
C ARG C 20 -17.63 -11.71 -35.45
N PHE C 21 -18.14 -12.63 -34.64
CA PHE C 21 -17.32 -13.69 -34.09
C PHE C 21 -17.78 -15.10 -34.49
N PRO C 22 -16.88 -16.09 -34.38
CA PRO C 22 -17.27 -17.45 -34.73
C PRO C 22 -18.10 -17.94 -33.53
N TRP C 23 -19.07 -18.80 -33.78
CA TRP C 23 -19.89 -19.26 -32.66
C TRP C 23 -19.26 -20.35 -31.80
N GLN C 24 -18.14 -20.93 -32.22
CA GLN C 24 -17.56 -22.00 -31.40
C GLN C 24 -16.61 -21.53 -30.31
N LEU C 25 -16.17 -20.28 -30.38
CA LEU C 25 -15.20 -19.76 -29.41
C LEU C 25 -15.71 -18.67 -28.50
N VAL C 26 -14.92 -18.31 -27.50
CA VAL C 26 -15.29 -17.24 -26.59
C VAL C 26 -14.73 -15.94 -27.18
N ARG C 27 -15.59 -14.93 -27.33
CA ARG C 27 -15.20 -13.65 -27.89
C ARG C 27 -13.88 -13.18 -27.32
N GLU C 28 -13.77 -13.24 -26.01
CA GLU C 28 -12.55 -12.80 -25.36
C GLU C 28 -11.31 -13.55 -25.84
N GLN C 29 -11.47 -14.83 -26.16
CA GLN C 29 -10.33 -15.59 -26.61
C GLN C 29 -10.04 -15.36 -28.09
N VAL C 30 -11.08 -14.98 -28.84
CA VAL C 30 -10.94 -14.68 -30.26
C VAL C 30 -10.13 -13.37 -30.37
N ARG C 31 -10.44 -12.39 -29.52
CA ARG C 31 -9.71 -11.15 -29.54
C ARG C 31 -8.24 -11.43 -29.26
N GLN C 32 -7.97 -12.24 -28.24
CA GLN C 32 -6.60 -12.57 -27.88
C GLN C 32 -5.86 -13.29 -29.03
N THR C 33 -6.56 -14.18 -29.72
CA THR C 33 -5.98 -14.92 -30.82
C THR C 33 -5.65 -13.99 -31.97
N VAL C 34 -6.57 -13.10 -32.26
CA VAL C 34 -6.37 -12.14 -33.34
C VAL C 34 -5.21 -11.22 -32.97
N ALA C 35 -5.16 -10.79 -31.72
CA ALA C 35 -4.08 -9.90 -31.30
C ALA C 35 -2.76 -10.65 -31.44
N GLU C 36 -2.77 -11.90 -31.02
CA GLU C 36 -1.58 -12.75 -31.09
C GLU C 36 -1.13 -12.95 -32.54
N ALA C 37 -2.10 -13.05 -33.45
CA ALA C 37 -1.77 -13.24 -34.84
C ALA C 37 -1.12 -11.95 -35.33
N LEU C 38 -1.73 -10.81 -35.02
CA LEU C 38 -1.18 -9.54 -35.43
C LEU C 38 0.25 -9.38 -34.90
N GLN C 39 0.47 -9.81 -33.65
CA GLN C 39 1.76 -9.69 -33.01
C GLN C 39 2.90 -10.43 -33.69
N VAL C 40 2.59 -11.51 -34.39
CA VAL C 40 3.64 -12.25 -35.07
C VAL C 40 4.27 -11.38 -36.18
N TRP C 41 3.49 -10.46 -36.74
CA TRP C 41 3.97 -9.58 -37.80
C TRP C 41 4.54 -8.24 -37.32
N SER C 42 4.05 -7.75 -36.19
CA SER C 42 4.54 -6.48 -35.66
C SER C 42 5.87 -6.67 -34.98
N GLU C 43 6.28 -7.92 -34.82
CA GLU C 43 7.57 -8.18 -34.20
C GLU C 43 8.65 -8.07 -35.24
N VAL C 44 8.27 -8.10 -36.50
CA VAL C 44 9.23 -8.04 -37.61
C VAL C 44 9.02 -6.89 -38.57
N THR C 45 8.17 -5.95 -38.19
CA THR C 45 7.89 -4.81 -39.04
C THR C 45 7.69 -3.63 -38.13
N PRO C 46 7.62 -2.41 -38.69
CA PRO C 46 7.43 -1.25 -37.82
C PRO C 46 5.97 -0.95 -37.48
N LEU C 47 5.06 -1.85 -37.87
CA LEU C 47 3.65 -1.65 -37.63
C LEU C 47 3.16 -1.99 -36.24
N THR C 48 2.18 -1.23 -35.77
CA THR C 48 1.60 -1.48 -34.47
C THR C 48 0.08 -1.62 -34.69
N PHE C 49 -0.61 -2.37 -33.84
CA PHE C 49 -2.04 -2.60 -34.03
C PHE C 49 -2.87 -2.35 -32.79
N THR C 50 -3.96 -1.60 -32.93
CA THR C 50 -4.86 -1.30 -31.82
C THR C 50 -6.29 -1.65 -32.24
N GLU C 51 -7.04 -2.28 -31.33
CA GLU C 51 -8.40 -2.68 -31.63
C GLU C 51 -9.42 -1.58 -31.30
N VAL C 52 -10.39 -1.38 -32.20
CA VAL C 52 -11.44 -0.39 -32.02
C VAL C 52 -12.76 -1.15 -32.10
N HIS C 53 -13.85 -0.53 -31.64
CA HIS C 53 -15.15 -1.22 -31.62
C HIS C 53 -16.29 -0.55 -32.40
N GLU C 54 -15.94 0.41 -33.25
CA GLU C 54 -16.94 1.13 -34.02
C GLU C 54 -16.28 1.76 -35.21
N GLY C 55 -17.08 2.20 -36.16
CA GLY C 55 -16.54 2.86 -37.34
C GLY C 55 -15.64 1.95 -38.14
N ARG C 56 -14.96 2.52 -39.13
CA ARG C 56 -14.05 1.75 -39.97
C ARG C 56 -12.61 1.85 -39.48
N ALA C 57 -11.94 0.72 -39.43
CA ALA C 57 -10.56 0.63 -38.99
C ALA C 57 -9.71 0.35 -40.23
N ASP C 58 -8.40 0.30 -40.06
CA ASP C 58 -7.49 0.02 -41.17
C ASP C 58 -7.64 -1.42 -41.67
N ILE C 59 -7.90 -2.34 -40.76
CA ILE C 59 -8.12 -3.75 -41.09
C ILE C 59 -9.50 -4.09 -40.51
N MET C 60 -10.39 -4.59 -41.36
CA MET C 60 -11.73 -4.94 -40.94
C MET C 60 -11.88 -6.44 -41.03
N ILE C 61 -12.11 -7.06 -39.88
CA ILE C 61 -12.27 -8.51 -39.81
C ILE C 61 -13.72 -8.95 -39.68
N ASP C 62 -14.09 -9.97 -40.44
CA ASP C 62 -15.44 -10.50 -40.37
C ASP C 62 -15.51 -11.99 -40.57
N PHE C 63 -16.54 -12.58 -39.98
CA PHE C 63 -16.81 -14.01 -40.09
C PHE C 63 -18.11 -14.10 -40.90
N ALA C 64 -18.04 -14.63 -42.11
CA ALA C 64 -19.22 -14.76 -42.95
C ALA C 64 -19.31 -16.11 -43.63
N ARG C 65 -20.49 -16.46 -44.10
CA ARG C 65 -20.69 -17.72 -44.79
C ARG C 65 -20.80 -18.06 -46.24
N TYR C 66 -21.55 -17.48 -47.02
CA TYR C 66 -21.50 -17.97 -48.38
C TYR C 66 -21.28 -16.78 -49.23
N TRP C 67 -22.35 -16.34 -49.69
CA TRP C 67 -22.31 -15.16 -50.41
C TRP C 67 -22.48 -14.07 -49.38
N HIS C 68 -21.52 -13.15 -49.34
CA HIS C 68 -21.58 -12.09 -48.36
C HIS C 68 -21.23 -10.69 -48.85
N GLY C 69 -21.59 -10.39 -50.08
CA GLY C 69 -21.37 -9.06 -50.64
C GLY C 69 -20.02 -8.65 -51.22
N ASP C 70 -19.18 -9.58 -51.69
CA ASP C 70 -17.90 -9.15 -52.24
C ASP C 70 -17.28 -9.95 -53.37
N ASN C 71 -18.05 -10.82 -54.01
CA ASN C 71 -17.57 -11.61 -55.14
C ASN C 71 -16.68 -12.78 -54.82
N LEU C 72 -16.36 -12.95 -53.54
CA LEU C 72 -15.52 -14.08 -53.10
C LEU C 72 -16.34 -14.89 -52.12
N PRO C 73 -17.36 -15.61 -52.64
CA PRO C 73 -18.25 -16.45 -51.84
C PRO C 73 -17.51 -17.59 -51.16
N PHE C 74 -17.87 -17.85 -49.92
CA PHE C 74 -17.24 -18.95 -49.21
C PHE C 74 -17.89 -20.26 -49.67
N ASP C 75 -17.30 -21.37 -49.30
CA ASP C 75 -17.75 -22.68 -49.76
C ASP C 75 -18.22 -23.68 -48.70
N GLY C 76 -18.53 -23.19 -47.50
CA GLY C 76 -18.98 -24.11 -46.48
C GLY C 76 -17.81 -24.77 -45.78
N PRO C 77 -18.05 -25.75 -44.88
CA PRO C 77 -17.00 -26.45 -44.15
C PRO C 77 -15.92 -26.92 -45.10
N GLY C 78 -14.67 -26.75 -44.73
CA GLY C 78 -13.57 -27.16 -45.59
C GLY C 78 -13.35 -26.20 -46.76
N GLY C 79 -12.50 -26.61 -47.70
CA GLY C 79 -12.23 -25.74 -48.82
C GLY C 79 -11.52 -24.50 -48.33
N ILE C 80 -12.01 -23.33 -48.73
CA ILE C 80 -11.42 -22.06 -48.33
C ILE C 80 -11.78 -21.78 -46.90
N LEU C 81 -10.79 -21.43 -46.09
CA LEU C 81 -10.99 -21.13 -44.67
C LEU C 81 -11.13 -19.64 -44.43
N ALA C 82 -10.58 -18.86 -45.34
CA ALA C 82 -10.63 -17.42 -45.20
C ALA C 82 -10.03 -16.75 -46.43
N HIS C 83 -9.98 -15.42 -46.39
CA HIS C 83 -9.38 -14.62 -47.45
C HIS C 83 -9.35 -13.14 -47.07
N ALA C 84 -8.49 -12.40 -47.74
CA ALA C 84 -8.32 -10.98 -47.49
C ALA C 84 -8.19 -10.28 -48.81
N PHE C 85 -8.76 -9.09 -48.92
CA PHE C 85 -8.69 -8.34 -50.15
C PHE C 85 -8.75 -6.87 -49.80
N PHE C 86 -8.44 -6.02 -50.76
CA PHE C 86 -8.47 -4.59 -50.54
C PHE C 86 -9.64 -4.00 -51.35
N PRO C 87 -10.76 -3.68 -50.70
CA PRO C 87 -11.88 -3.11 -51.45
C PRO C 87 -11.44 -1.84 -52.20
N LYS C 88 -12.16 -1.45 -53.24
CA LYS C 88 -11.73 -0.25 -53.96
C LYS C 88 -12.36 1.03 -53.44
N THR C 89 -13.56 0.90 -52.91
CA THR C 89 -14.28 2.05 -52.39
C THR C 89 -14.03 2.31 -50.91
N HIS C 90 -13.03 1.64 -50.34
CA HIS C 90 -12.72 1.79 -48.93
C HIS C 90 -11.23 1.58 -48.69
N ARG C 91 -10.58 2.56 -48.05
CA ARG C 91 -9.16 2.41 -47.78
C ARG C 91 -8.96 1.59 -46.49
N GLU C 92 -9.01 0.28 -46.69
CA GLU C 92 -8.85 -0.69 -45.62
C GLU C 92 -8.54 -2.04 -46.22
N GLY C 93 -8.06 -2.93 -45.37
CA GLY C 93 -7.80 -4.28 -45.80
C GLY C 93 -8.92 -5.10 -45.19
N ASP C 94 -9.62 -5.90 -45.99
CA ASP C 94 -10.69 -6.71 -45.40
C ASP C 94 -10.25 -8.15 -45.21
N VAL C 95 -10.53 -8.68 -44.04
CA VAL C 95 -10.18 -10.07 -43.78
C VAL C 95 -11.46 -10.81 -43.42
N HIS C 96 -11.77 -11.85 -44.17
CA HIS C 96 -12.97 -12.60 -43.87
C HIS C 96 -12.67 -14.07 -43.59
N PHE C 97 -13.21 -14.57 -42.50
CA PHE C 97 -13.04 -15.98 -42.20
C PHE C 97 -14.33 -16.69 -42.57
N ASP C 98 -14.24 -17.95 -42.97
CA ASP C 98 -15.44 -18.68 -43.31
C ASP C 98 -16.07 -19.15 -41.99
N TYR C 99 -17.26 -18.63 -41.72
CA TYR C 99 -18.02 -18.91 -40.52
C TYR C 99 -18.44 -20.39 -40.45
N ASP C 100 -18.39 -21.07 -41.57
CA ASP C 100 -18.77 -22.47 -41.59
C ASP C 100 -17.69 -23.45 -41.14
N GLU C 101 -16.47 -22.96 -40.90
CA GLU C 101 -15.40 -23.84 -40.44
C GLU C 101 -15.56 -24.11 -38.93
N THR C 102 -14.95 -25.19 -38.43
CA THR C 102 -14.99 -25.48 -37.01
C THR C 102 -13.74 -24.88 -36.38
N TRP C 103 -13.85 -23.60 -35.99
CA TRP C 103 -12.74 -22.86 -35.40
C TRP C 103 -12.30 -23.32 -34.01
N THR C 104 -11.03 -23.63 -33.89
CA THR C 104 -10.46 -24.05 -32.61
C THR C 104 -9.24 -23.15 -32.35
N ILE C 105 -8.56 -23.34 -31.21
CA ILE C 105 -7.34 -22.59 -30.88
C ILE C 105 -6.38 -23.55 -30.22
N GLY C 106 -5.34 -23.94 -30.93
CA GLY C 106 -4.38 -24.87 -30.38
C GLY C 106 -4.97 -26.26 -30.47
N ASP C 107 -5.93 -26.44 -31.37
CA ASP C 107 -6.55 -27.76 -31.51
C ASP C 107 -6.60 -28.16 -32.97
N ASN C 108 -6.09 -29.36 -33.28
CA ASN C 108 -6.10 -29.84 -34.66
C ASN C 108 -7.40 -30.57 -35.01
N GLN C 109 -8.31 -30.69 -34.04
CA GLN C 109 -9.60 -31.33 -34.30
C GLN C 109 -10.54 -30.33 -34.98
N GLY C 110 -9.95 -29.25 -35.46
CA GLY C 110 -10.72 -28.23 -36.13
C GLY C 110 -9.76 -27.41 -36.95
N THR C 111 -10.14 -26.17 -37.24
CA THR C 111 -9.28 -25.30 -38.01
C THR C 111 -8.76 -24.27 -37.03
N ASP C 112 -7.46 -24.32 -36.81
CA ASP C 112 -6.80 -23.39 -35.89
C ASP C 112 -6.98 -21.98 -36.39
N LEU C 113 -7.58 -21.12 -35.58
CA LEU C 113 -7.80 -19.75 -36.00
C LEU C 113 -6.52 -18.93 -35.97
N LEU C 114 -5.63 -19.27 -35.05
CA LEU C 114 -4.36 -18.57 -34.88
C LEU C 114 -3.59 -18.59 -36.20
N GLN C 115 -3.48 -19.78 -36.79
CA GLN C 115 -2.74 -19.91 -38.03
C GLN C 115 -3.41 -19.32 -39.27
N VAL C 116 -4.71 -19.50 -39.40
CA VAL C 116 -5.39 -18.94 -40.54
C VAL C 116 -5.31 -17.41 -40.43
N ALA C 117 -5.55 -16.87 -39.23
CA ALA C 117 -5.50 -15.43 -39.03
C ALA C 117 -4.11 -14.88 -39.38
N ALA C 118 -3.07 -15.53 -38.85
CA ALA C 118 -1.67 -15.14 -39.05
C ALA C 118 -1.37 -15.08 -40.54
N HIS C 119 -1.95 -16.03 -41.24
CA HIS C 119 -1.80 -16.14 -42.67
C HIS C 119 -2.50 -15.01 -43.40
N GLU C 120 -3.71 -14.68 -42.97
CA GLU C 120 -4.48 -13.62 -43.61
C GLU C 120 -3.88 -12.23 -43.36
N PHE C 121 -3.29 -12.03 -42.19
CA PHE C 121 -2.69 -10.73 -41.94
C PHE C 121 -1.42 -10.53 -42.81
N GLY C 122 -0.77 -11.65 -43.14
CA GLY C 122 0.41 -11.63 -43.99
C GLY C 122 -0.02 -11.12 -45.35
N HIS C 123 -1.22 -11.51 -45.78
CA HIS C 123 -1.73 -11.03 -47.06
C HIS C 123 -1.97 -9.55 -46.98
N VAL C 124 -2.63 -9.16 -45.90
CA VAL C 124 -2.96 -7.79 -45.66
C VAL C 124 -1.72 -6.89 -45.67
N LEU C 125 -0.57 -7.41 -45.24
CA LEU C 125 0.64 -6.62 -45.22
C LEU C 125 1.40 -6.63 -46.56
N GLY C 126 0.90 -7.37 -47.53
CA GLY C 126 1.54 -7.42 -48.82
C GLY C 126 2.11 -8.75 -49.25
N LEU C 127 2.26 -9.71 -48.34
CA LEU C 127 2.82 -11.01 -48.70
C LEU C 127 1.95 -11.78 -49.68
N GLN C 128 2.60 -12.59 -50.51
CA GLN C 128 1.91 -13.44 -51.48
C GLN C 128 2.33 -14.86 -51.12
N HIS C 129 1.82 -15.86 -51.83
CA HIS C 129 2.22 -17.21 -51.48
C HIS C 129 3.65 -17.54 -51.80
N THR C 130 4.13 -18.54 -51.08
CA THR C 130 5.48 -19.05 -51.23
C THR C 130 5.32 -20.55 -51.45
N THR C 131 6.28 -21.17 -52.14
CA THR C 131 6.19 -22.60 -52.38
C THR C 131 6.85 -23.36 -51.25
N ALA C 132 7.55 -22.63 -50.37
CA ALA C 132 8.19 -23.24 -49.24
C ALA C 132 7.20 -24.18 -48.58
N ALA C 133 7.69 -25.38 -48.29
CA ALA C 133 6.88 -26.44 -47.69
C ALA C 133 6.07 -26.06 -46.44
N LYS C 134 6.73 -25.54 -45.41
CA LYS C 134 6.04 -25.21 -44.18
C LYS C 134 6.04 -23.76 -43.76
N ALA C 135 5.74 -22.84 -44.68
CA ALA C 135 5.73 -21.44 -44.32
C ALA C 135 4.33 -20.93 -44.04
N LEU C 136 4.25 -19.91 -43.19
CA LEU C 136 2.98 -19.28 -42.85
C LEU C 136 2.22 -18.87 -44.11
N MET C 137 2.96 -18.39 -45.11
CA MET C 137 2.36 -17.94 -46.36
C MET C 137 2.16 -18.99 -47.45
N SER C 138 2.09 -20.22 -47.02
CA SER C 138 1.87 -21.28 -47.95
C SER C 138 0.40 -21.20 -48.35
N PRO C 139 0.07 -21.74 -49.53
CA PRO C 139 -1.31 -21.75 -50.02
C PRO C 139 -2.20 -22.68 -49.18
N PHE C 140 -1.56 -23.66 -48.52
CA PHE C 140 -2.26 -24.69 -47.76
C PHE C 140 -2.13 -24.74 -46.24
N TYR C 141 -3.27 -24.78 -45.55
CA TYR C 141 -3.28 -24.87 -44.10
C TYR C 141 -2.62 -26.15 -43.57
N THR C 142 -1.78 -25.99 -42.56
CA THR C 142 -1.13 -27.10 -41.88
C THR C 142 -1.06 -26.72 -40.39
N PHE C 143 -1.40 -27.64 -39.51
CA PHE C 143 -1.33 -27.33 -38.08
C PHE C 143 0.15 -27.40 -37.69
N ARG C 144 0.65 -26.29 -37.15
CA ARG C 144 2.03 -26.15 -36.75
C ARG C 144 1.99 -25.25 -35.52
N TYR C 145 2.52 -25.69 -34.39
CA TYR C 145 2.34 -24.88 -33.20
C TYR C 145 3.36 -23.90 -32.60
N PRO C 146 4.66 -24.21 -32.45
CA PRO C 146 5.12 -22.92 -31.89
C PRO C 146 4.97 -22.00 -33.13
N LEU C 147 3.96 -21.13 -33.15
CA LEU C 147 3.76 -20.28 -34.31
C LEU C 147 4.83 -19.19 -34.49
N SER C 148 5.76 -19.46 -35.40
CA SER C 148 6.81 -18.51 -35.68
C SER C 148 6.92 -18.42 -37.19
N LEU C 149 7.70 -17.47 -37.65
CA LEU C 149 7.86 -17.32 -39.07
C LEU C 149 8.98 -18.24 -39.49
N SER C 150 8.81 -18.88 -40.63
CA SER C 150 9.85 -19.76 -41.15
C SER C 150 10.87 -18.82 -41.76
N PRO C 151 12.03 -19.34 -42.18
CA PRO C 151 13.03 -18.43 -42.79
C PRO C 151 12.45 -17.81 -44.08
N ASP C 152 11.65 -18.58 -44.81
CA ASP C 152 11.10 -18.07 -46.05
C ASP C 152 10.12 -16.90 -45.84
N ASP C 153 9.46 -16.87 -44.68
CA ASP C 153 8.52 -15.81 -44.37
C ASP C 153 9.26 -14.57 -43.97
N ARG C 154 10.35 -14.73 -43.21
CA ARG C 154 11.17 -13.60 -42.76
C ARG C 154 11.82 -12.95 -43.97
N ARG C 155 12.05 -13.76 -44.99
CA ARG C 155 12.64 -13.28 -46.23
C ARG C 155 11.57 -12.46 -46.96
N GLY C 156 10.33 -12.94 -46.97
CA GLY C 156 9.25 -12.22 -47.62
C GLY C 156 8.95 -10.88 -46.95
N ILE C 157 9.14 -10.82 -45.64
CA ILE C 157 8.92 -9.61 -44.85
C ILE C 157 10.01 -8.56 -45.14
N GLN C 158 11.25 -9.04 -45.19
CA GLN C 158 12.39 -8.17 -45.47
C GLN C 158 12.24 -7.61 -46.88
N HIS C 159 11.81 -8.46 -47.81
CA HIS C 159 11.67 -8.04 -49.19
C HIS C 159 10.75 -6.83 -49.32
N LEU C 160 9.66 -6.81 -48.56
CA LEU C 160 8.73 -5.70 -48.60
C LEU C 160 9.06 -4.57 -47.60
N TYR C 161 9.61 -4.93 -46.45
CA TYR C 161 9.88 -3.94 -45.40
C TYR C 161 11.31 -3.52 -45.01
N GLY C 162 12.34 -4.08 -45.65
CA GLY C 162 13.70 -3.70 -45.30
C GLY C 162 14.24 -4.55 -44.15
N MET D 1 30.21 4.26 52.07
CA MET D 1 29.25 4.56 50.96
C MET D 1 29.37 4.81 49.49
N PHE D 2 30.31 5.43 49.06
CA PHE D 2 30.33 5.76 47.67
C PHE D 2 31.38 4.90 46.95
N VAL D 3 31.05 4.39 45.76
CA VAL D 3 32.06 3.63 44.95
C VAL D 3 32.06 4.02 43.51
N LEU D 4 33.23 4.12 42.96
CA LEU D 4 33.37 4.48 41.56
C LEU D 4 33.31 3.20 40.73
N SER D 5 32.20 3.04 40.02
CA SER D 5 32.02 1.89 39.17
C SER D 5 31.30 2.31 37.90
N GLY D 6 31.90 1.97 36.76
CA GLY D 6 31.28 2.33 35.50
C GLY D 6 31.45 3.81 35.22
N GLY D 7 32.48 4.40 35.84
CA GLY D 7 32.77 5.81 35.66
C GLY D 7 31.89 6.74 36.48
N ARG D 8 30.94 6.17 37.23
CA ARG D 8 30.05 7.00 38.05
C ARG D 8 30.04 6.57 39.51
N TRP D 9 30.03 7.53 40.41
CA TRP D 9 29.99 7.24 41.84
C TRP D 9 28.63 6.71 42.23
N GLU D 10 28.59 5.48 42.74
CA GLU D 10 27.34 4.87 43.13
C GLU D 10 27.26 4.70 44.65
N LYS D 11 26.02 4.57 45.12
CA LYS D 11 25.71 4.36 46.51
C LYS D 11 26.01 2.89 46.85
N THR D 12 26.46 2.64 48.07
CA THR D 12 26.75 1.27 48.48
C THR D 12 25.71 0.81 49.51
N ASP D 13 24.80 1.70 49.87
CA ASP D 13 23.74 1.37 50.82
C ASP D 13 22.48 1.13 50.04
N LEU D 14 21.97 -0.10 50.10
CA LEU D 14 20.76 -0.48 49.36
C LEU D 14 19.62 -0.93 50.24
N THR D 15 18.42 -0.92 49.66
CA THR D 15 17.25 -1.37 50.39
C THR D 15 16.61 -2.55 49.66
N TYR D 16 15.95 -3.41 50.41
CA TYR D 16 15.24 -4.53 49.84
C TYR D 16 13.88 -4.69 50.54
N ARG D 17 12.90 -5.14 49.78
CA ARG D 17 11.57 -5.39 50.30
C ARG D 17 11.13 -6.77 49.85
N ILE D 18 10.40 -7.44 50.72
CA ILE D 18 9.90 -8.77 50.44
C ILE D 18 8.41 -8.60 50.28
N LEU D 19 7.94 -8.72 49.05
CA LEU D 19 6.52 -8.56 48.72
C LEU D 19 5.65 -9.71 49.22
N ARG D 20 5.96 -10.94 48.86
CA ARG D 20 5.16 -12.08 49.32
C ARG D 20 6.07 -13.17 49.89
N PHE D 21 5.49 -14.07 50.68
CA PHE D 21 6.24 -15.15 51.33
C PHE D 21 5.84 -16.55 50.92
N PRO D 22 6.75 -17.52 51.10
CA PRO D 22 6.47 -18.92 50.73
C PRO D 22 5.49 -19.56 51.72
N TRP D 23 4.83 -20.62 51.27
CA TRP D 23 3.84 -21.29 52.11
C TRP D 23 4.44 -22.03 53.33
N GLN D 24 5.57 -22.69 53.12
CA GLN D 24 6.26 -23.49 54.14
C GLN D 24 7.02 -22.85 55.29
N LEU D 25 7.24 -21.54 55.25
CA LEU D 25 8.03 -20.94 56.33
C LEU D 25 7.38 -19.75 57.06
N VAL D 26 7.72 -19.54 58.34
CA VAL D 26 7.15 -18.44 59.10
C VAL D 26 7.80 -17.13 58.61
N ARG D 27 7.02 -16.07 58.50
CA ARG D 27 7.54 -14.79 58.01
C ARG D 27 8.88 -14.36 58.60
N GLU D 28 9.05 -14.49 59.91
CA GLU D 28 10.29 -14.04 60.52
C GLU D 28 11.51 -14.89 60.11
N GLN D 29 11.29 -16.18 59.88
CA GLN D 29 12.36 -17.04 59.47
C GLN D 29 12.74 -16.71 58.02
N VAL D 30 11.75 -16.41 57.18
CA VAL D 30 12.10 -16.04 55.82
C VAL D 30 12.90 -14.72 55.88
N ARG D 31 12.53 -13.81 56.77
CA ARG D 31 13.25 -12.55 56.85
C ARG D 31 14.70 -12.63 57.25
N GLN D 32 15.02 -13.54 58.18
CA GLN D 32 16.38 -13.70 58.65
C GLN D 32 17.25 -14.40 57.64
N THR D 33 16.66 -15.35 56.94
CA THR D 33 17.38 -16.12 55.93
C THR D 33 17.79 -15.21 54.80
N VAL D 34 16.88 -14.34 54.39
CA VAL D 34 17.15 -13.41 53.31
C VAL D 34 18.31 -12.50 53.71
N ALA D 35 18.31 -12.05 54.96
CA ALA D 35 19.37 -11.18 55.42
C ALA D 35 20.69 -11.94 55.53
N GLU D 36 20.61 -13.21 55.90
CA GLU D 36 21.79 -14.02 56.02
C GLU D 36 22.41 -14.24 54.64
N ALA D 37 21.56 -14.41 53.63
CA ALA D 37 22.01 -14.63 52.27
C ALA D 37 22.65 -13.37 51.74
N LEU D 38 22.09 -12.24 52.16
CA LEU D 38 22.58 -10.94 51.73
C LEU D 38 23.93 -10.66 52.40
N GLN D 39 24.09 -11.15 53.62
CA GLN D 39 25.31 -10.92 54.36
C GLN D 39 26.55 -11.61 53.82
N VAL D 40 26.35 -12.74 53.17
CA VAL D 40 27.47 -13.49 52.64
C VAL D 40 28.19 -12.63 51.62
N TRP D 41 27.42 -11.80 50.91
CA TRP D 41 27.96 -10.92 49.88
C TRP D 41 28.52 -9.59 50.39
N SER D 42 27.84 -8.98 51.36
CA SER D 42 28.34 -7.73 51.90
C SER D 42 29.65 -7.96 52.65
N GLU D 43 29.88 -9.17 53.15
CA GLU D 43 31.12 -9.47 53.86
C GLU D 43 32.33 -9.35 52.93
N VAL D 44 32.11 -9.43 51.63
CA VAL D 44 33.20 -9.35 50.68
C VAL D 44 33.00 -8.25 49.68
N THR D 45 32.13 -7.29 50.03
CA THR D 45 31.88 -6.14 49.17
C THR D 45 31.62 -4.99 50.10
N PRO D 46 31.66 -3.76 49.56
CA PRO D 46 31.42 -2.62 50.45
C PRO D 46 29.92 -2.37 50.64
N LEU D 47 29.09 -3.21 50.03
CA LEU D 47 27.63 -3.05 50.12
C LEU D 47 26.96 -3.31 51.46
N THR D 48 25.80 -2.66 51.62
CA THR D 48 24.96 -2.72 52.80
C THR D 48 23.52 -2.85 52.34
N PHE D 49 22.73 -3.62 53.08
CA PHE D 49 21.33 -3.85 52.73
C PHE D 49 20.38 -3.56 53.90
N THR D 50 19.34 -2.81 53.65
CA THR D 50 18.38 -2.48 54.69
C THR D 50 17.00 -2.86 54.23
N GLU D 51 16.22 -3.50 55.08
CA GLU D 51 14.87 -3.91 54.68
C GLU D 51 13.79 -2.85 54.92
N VAL D 52 12.93 -2.66 53.94
CA VAL D 52 11.83 -1.72 54.06
C VAL D 52 10.54 -2.51 53.91
N HIS D 53 9.42 -1.91 54.27
CA HIS D 53 8.16 -2.61 54.17
C HIS D 53 7.12 -1.92 53.28
N GLU D 54 7.55 -0.93 52.52
CA GLU D 54 6.64 -0.23 51.62
C GLU D 54 7.42 0.37 50.48
N GLY D 55 6.68 0.76 49.46
CA GLY D 55 7.28 1.36 48.29
C GLY D 55 8.29 0.49 47.61
N ARG D 56 8.95 1.03 46.59
CA ARG D 56 9.96 0.28 45.88
C ARG D 56 11.36 0.44 46.49
N ALA D 57 12.05 -0.69 46.63
CA ALA D 57 13.42 -0.76 47.16
C ALA D 57 14.33 -1.12 46.00
N ASP D 58 15.63 -1.09 46.21
CA ASP D 58 16.59 -1.42 45.15
C ASP D 58 16.49 -2.90 44.76
N ILE D 59 16.01 -3.71 45.69
CA ILE D 59 15.82 -5.11 45.41
C ILE D 59 14.41 -5.51 45.80
N MET D 60 13.67 -6.05 44.82
CA MET D 60 12.30 -6.50 45.07
C MET D 60 12.21 -8.02 44.97
N ILE D 61 11.92 -8.63 46.11
CA ILE D 61 11.81 -10.06 46.26
C ILE D 61 10.36 -10.53 46.31
N ASP D 62 10.05 -11.57 45.55
CA ASP D 62 8.70 -12.07 45.55
C ASP D 62 8.70 -13.57 45.33
N PHE D 63 7.63 -14.21 45.78
CA PHE D 63 7.42 -15.64 45.64
C PHE D 63 6.19 -15.76 44.77
N ALA D 64 6.31 -16.47 43.66
CA ALA D 64 5.20 -16.60 42.72
C ALA D 64 5.28 -17.93 41.98
N ARG D 65 4.22 -18.22 41.28
CA ARG D 65 4.15 -19.48 40.54
C ARG D 65 3.74 -19.18 39.02
N TYR D 66 4.29 -20.05 38.13
CA TYR D 66 4.09 -20.17 36.62
C TYR D 66 4.39 -19.01 35.90
N TRP D 67 3.90 -18.67 35.10
CA TRP D 67 3.12 -17.36 34.88
C TRP D 67 2.64 -16.34 35.98
N HIS D 68 3.42 -15.21 36.31
CA HIS D 68 3.35 -14.03 37.24
C HIS D 68 3.61 -12.58 36.81
N GLY D 69 3.97 -12.33 35.55
CA GLY D 69 4.04 -10.91 35.13
C GLY D 69 5.24 -10.43 34.35
N ASP D 70 6.28 -11.25 34.25
CA ASP D 70 7.44 -10.90 33.44
C ASP D 70 7.43 -11.94 32.35
N ASN D 71 8.47 -12.00 31.55
CA ASN D 71 8.39 -12.99 30.51
C ASN D 71 9.22 -14.23 30.81
N LEU D 72 9.28 -14.57 32.11
CA LEU D 72 9.99 -15.74 32.59
C LEU D 72 9.11 -16.55 33.52
N PRO D 73 8.19 -17.35 32.96
CA PRO D 73 7.27 -18.18 33.75
C PRO D 73 7.95 -19.27 34.57
N PHE D 74 7.40 -19.61 35.72
CA PHE D 74 7.99 -20.68 36.50
C PHE D 74 7.39 -22.00 36.02
N ASP D 75 8.00 -23.11 36.42
CA ASP D 75 7.56 -24.44 35.99
C ASP D 75 7.06 -25.42 37.02
N GLY D 76 6.45 -24.98 38.11
CA GLY D 76 5.98 -25.94 39.09
C GLY D 76 7.10 -26.52 39.95
N PRO D 77 6.86 -27.63 40.68
CA PRO D 77 7.90 -28.22 41.52
C PRO D 77 9.14 -28.60 40.75
N GLY D 78 10.30 -28.29 41.30
CA GLY D 78 11.54 -28.62 40.61
C GLY D 78 11.91 -27.65 39.49
N GLY D 79 12.82 -28.08 38.62
CA GLY D 79 13.27 -27.24 37.52
C GLY D 79 13.85 -25.94 38.04
N ILE D 80 13.34 -24.83 37.52
CA ILE D 80 13.79 -23.49 37.94
C ILE D 80 13.26 -23.24 39.33
N LEU D 81 14.14 -22.86 40.24
CA LEU D 81 13.75 -22.60 41.63
C LEU D 81 13.51 -21.09 41.84
N ALA D 82 14.21 -20.28 41.08
CA ALA D 82 14.08 -18.85 41.24
C ALA D 82 14.83 -18.20 40.09
N HIS D 83 14.77 -16.87 40.07
CA HIS D 83 15.49 -16.11 39.09
C HIS D 83 15.49 -14.62 39.41
N ALA D 84 16.48 -13.93 38.84
CA ALA D 84 16.63 -12.51 39.05
C ALA D 84 16.80 -11.85 37.70
N PHE D 85 16.33 -10.61 37.59
CA PHE D 85 16.44 -9.88 36.33
C PHE D 85 16.22 -8.40 36.58
N PHE D 86 16.64 -7.60 35.61
CA PHE D 86 16.50 -6.16 35.75
C PHE D 86 15.41 -5.60 34.85
N PRO D 87 14.27 -5.21 35.44
CA PRO D 87 13.16 -4.67 34.65
C PRO D 87 13.52 -3.35 33.95
N LYS D 88 13.14 -3.22 32.68
CA LYS D 88 13.46 -2.00 31.95
C LYS D 88 12.67 -0.79 32.40
N THR D 89 11.50 -1.00 33.02
CA THR D 89 10.67 0.11 33.50
C THR D 89 10.92 0.51 34.96
N HIS D 90 11.88 -0.14 35.63
CA HIS D 90 12.14 0.17 37.02
C HIS D 90 13.59 0.02 37.36
N ARG D 91 14.10 0.92 38.20
CA ARG D 91 15.48 0.85 38.63
C ARG D 91 15.53 0.04 39.91
N GLU D 92 15.53 -1.28 39.71
CA GLU D 92 15.53 -2.26 40.77
C GLU D 92 15.94 -3.61 40.21
N GLY D 93 16.44 -4.46 41.08
CA GLY D 93 16.78 -5.82 40.69
C GLY D 93 15.59 -6.62 41.20
N ASP D 94 14.95 -7.37 40.34
CA ASP D 94 13.79 -8.17 40.76
C ASP D 94 14.24 -9.60 41.04
N VAL D 95 13.88 -10.12 42.21
CA VAL D 95 14.27 -11.49 42.58
C VAL D 95 13.03 -12.29 42.89
N HIS D 96 12.77 -13.30 42.06
CA HIS D 96 11.60 -14.15 42.26
C HIS D 96 11.92 -15.60 42.59
N PHE D 97 11.20 -16.13 43.54
CA PHE D 97 11.39 -17.53 43.92
C PHE D 97 10.15 -18.27 43.49
N ASP D 98 10.31 -19.49 43.00
CA ASP D 98 9.16 -20.29 42.58
C ASP D 98 8.42 -20.74 43.87
N TYR D 99 7.17 -20.33 43.98
CA TYR D 99 6.36 -20.65 45.13
C TYR D 99 6.02 -22.14 45.21
N ASP D 100 6.16 -22.86 44.09
CA ASP D 100 5.84 -24.28 44.05
C ASP D 100 6.90 -25.20 44.67
N GLU D 101 8.05 -24.63 45.02
CA GLU D 101 9.09 -25.43 45.63
C GLU D 101 8.71 -25.65 47.10
N THR D 102 9.27 -26.70 47.70
CA THR D 102 9.01 -26.94 49.12
C THR D 102 10.17 -26.22 49.83
N TRP D 103 9.98 -24.96 50.15
CA TRP D 103 11.06 -24.23 50.77
C TRP D 103 11.42 -24.65 52.19
N THR D 104 12.71 -24.78 52.46
CA THR D 104 13.17 -25.17 53.78
C THR D 104 14.32 -24.26 54.22
N ILE D 105 14.66 -24.34 55.49
CA ILE D 105 15.76 -23.57 56.04
C ILE D 105 16.57 -24.53 56.89
N GLY D 106 17.63 -25.11 56.35
CA GLY D 106 18.42 -26.00 57.16
C GLY D 106 18.30 -27.50 56.94
N ASP D 107 17.42 -27.94 56.04
CA ASP D 107 17.35 -29.37 55.79
C ASP D 107 17.14 -29.64 54.31
N ASN D 108 17.50 -30.85 53.89
CA ASN D 108 17.42 -31.22 52.49
C ASN D 108 16.13 -31.90 52.01
N GLN D 109 15.06 -31.78 52.79
CA GLN D 109 13.80 -32.39 52.38
C GLN D 109 12.96 -31.39 51.60
N GLY D 110 13.63 -30.73 50.68
CA GLY D 110 12.99 -29.74 49.85
C GLY D 110 14.12 -28.93 49.28
N THR D 111 13.86 -27.65 49.03
CA THR D 111 14.82 -26.72 48.47
C THR D 111 15.22 -25.73 49.55
N ASP D 112 16.50 -25.75 49.92
CA ASP D 112 17.00 -24.86 50.94
C ASP D 112 16.95 -23.39 50.47
N LEU D 113 16.15 -22.58 51.14
CA LEU D 113 16.00 -21.17 50.79
C LEU D 113 17.26 -20.31 50.90
N LEU D 114 18.10 -20.59 51.88
CA LEU D 114 19.32 -19.81 52.08
C LEU D 114 20.20 -19.81 50.84
N GLN D 115 20.52 -21.01 50.36
CA GLN D 115 21.37 -21.18 49.21
C GLN D 115 20.88 -20.55 47.91
N VAL D 116 19.58 -20.71 47.62
CA VAL D 116 19.03 -20.14 46.41
C VAL D 116 19.01 -18.63 46.51
N ALA D 117 18.73 -18.10 47.69
CA ALA D 117 18.72 -16.67 47.83
C ALA D 117 20.13 -16.09 47.65
N ALA D 118 21.11 -16.71 48.29
CA ALA D 118 22.51 -16.28 48.20
C ALA D 118 22.86 -16.25 46.74
N HIS D 119 22.39 -17.28 46.06
CA HIS D 119 22.62 -17.43 44.64
C HIS D 119 21.99 -16.33 43.79
N GLU D 120 20.71 -16.03 44.02
CA GLU D 120 20.05 -14.99 43.24
C GLU D 120 20.64 -13.60 43.51
N PHE D 121 21.02 -13.36 44.76
CA PHE D 121 21.60 -12.06 45.10
C PHE D 121 22.98 -11.93 44.40
N GLY D 122 23.63 -13.07 44.16
CA GLY D 122 24.89 -13.05 43.44
C GLY D 122 24.60 -12.43 42.07
N HIS D 123 23.52 -12.88 41.42
CA HIS D 123 23.10 -12.38 40.11
C HIS D 123 22.77 -10.91 40.16
N VAL D 124 22.02 -10.53 41.17
CA VAL D 124 21.65 -9.14 41.28
C VAL D 124 22.88 -8.29 41.44
N LEU D 125 23.97 -8.86 41.93
CA LEU D 125 25.21 -8.11 42.10
C LEU D 125 26.17 -8.21 40.91
N GLY D 126 25.68 -8.77 39.81
CA GLY D 126 26.48 -8.88 38.60
C GLY D 126 27.22 -10.18 38.32
N LEU D 127 27.14 -11.18 39.19
CA LEU D 127 27.86 -12.41 38.91
C LEU D 127 27.09 -13.29 37.97
N GLN D 128 27.82 -14.16 37.27
CA GLN D 128 27.25 -15.11 36.32
C GLN D 128 27.73 -16.50 36.73
N HIS D 129 27.21 -17.55 36.11
CA HIS D 129 27.63 -18.89 36.47
C HIS D 129 29.09 -19.25 36.22
N THR D 130 29.57 -20.23 36.96
CA THR D 130 30.92 -20.73 36.85
C THR D 130 30.77 -22.24 36.64
N THR D 131 31.78 -22.94 36.14
CA THR D 131 31.62 -24.39 35.95
C THR D 131 32.24 -25.07 37.15
N ALA D 132 32.83 -24.25 38.02
CA ALA D 132 33.47 -24.73 39.23
C ALA D 132 32.43 -25.38 40.10
N ALA D 133 32.74 -26.60 40.54
CA ALA D 133 31.82 -27.33 41.41
C ALA D 133 32.02 -26.76 42.82
N LYS D 134 30.92 -26.68 43.57
CA LYS D 134 30.90 -26.18 44.95
C LYS D 134 30.79 -24.67 45.05
N ALA D 135 30.72 -23.99 43.92
CA ALA D 135 30.58 -22.55 43.97
C ALA D 135 29.12 -22.20 44.20
N LEU D 136 28.90 -21.05 44.82
CA LEU D 136 27.56 -20.57 45.08
C LEU D 136 26.90 -20.31 43.73
N MET D 137 27.71 -19.82 42.79
CA MET D 137 27.19 -19.47 41.50
C MET D 137 27.20 -20.53 40.43
N SER D 138 27.13 -21.79 40.87
CA SER D 138 27.02 -22.89 39.95
C SER D 138 25.60 -22.74 39.38
N PRO D 139 25.33 -23.28 38.18
CA PRO D 139 23.99 -23.16 37.60
C PRO D 139 23.05 -24.15 38.27
N PHE D 140 23.65 -25.10 39.00
CA PHE D 140 22.91 -26.16 39.65
C PHE D 140 22.85 -26.15 41.18
N TYR D 141 21.67 -26.41 41.71
CA TYR D 141 21.47 -26.47 43.14
C TYR D 141 21.83 -27.84 43.77
N THR D 142 22.57 -27.79 44.87
CA THR D 142 22.90 -28.99 45.65
C THR D 142 22.93 -28.47 47.07
N PHE D 143 22.30 -29.21 47.99
CA PHE D 143 22.23 -28.80 49.40
C PHE D 143 23.65 -28.77 49.95
N ARG D 144 24.20 -27.57 50.13
CA ARG D 144 25.57 -27.40 50.60
C ARG D 144 25.52 -26.56 51.87
N TYR D 145 26.08 -27.01 52.98
CA TYR D 145 25.86 -26.13 54.12
C TYR D 145 26.75 -25.07 54.68
N PRO D 146 27.86 -25.35 55.41
CA PRO D 146 28.36 -24.00 55.71
C PRO D 146 28.33 -23.23 54.38
N LEU D 147 27.47 -22.20 54.39
CA LEU D 147 27.22 -21.34 53.26
C LEU D 147 28.34 -20.33 53.19
N SER D 148 29.28 -20.57 52.29
CA SER D 148 30.43 -19.67 52.11
C SER D 148 30.86 -19.60 50.67
N LEU D 149 31.43 -18.48 50.29
CA LEU D 149 31.90 -18.33 48.94
C LEU D 149 33.01 -19.34 48.75
N SER D 150 33.09 -19.91 47.55
CA SER D 150 34.15 -20.84 47.22
C SER D 150 35.22 -19.91 46.65
N PRO D 151 36.49 -20.36 46.57
CA PRO D 151 37.53 -19.46 46.02
C PRO D 151 37.09 -18.89 44.67
N ASP D 152 36.53 -19.76 43.83
CA ASP D 152 36.03 -19.36 42.52
C ASP D 152 35.04 -18.19 42.66
N ASP D 153 34.13 -18.32 43.62
CA ASP D 153 33.13 -17.27 43.85
C ASP D 153 33.86 -15.99 44.19
N ARG D 154 34.80 -16.08 45.12
CA ARG D 154 35.59 -14.93 45.57
C ARG D 154 36.35 -14.27 44.43
N ARG D 155 36.94 -15.08 43.55
CA ARG D 155 37.68 -14.53 42.42
C ARG D 155 36.67 -13.77 41.55
N GLY D 156 35.48 -14.35 41.39
CA GLY D 156 34.45 -13.69 40.62
C GLY D 156 34.13 -12.33 41.22
N ILE D 157 34.05 -12.25 42.54
CA ILE D 157 33.74 -10.96 43.16
C ILE D 157 34.89 -9.95 43.01
N GLN D 158 36.14 -10.41 43.09
CA GLN D 158 37.30 -9.51 42.97
C GLN D 158 37.36 -8.97 41.55
N HIS D 159 36.99 -9.81 40.60
CA HIS D 159 36.99 -9.44 39.19
C HIS D 159 36.02 -8.28 38.91
N LEU D 160 34.86 -8.31 39.58
CA LEU D 160 33.85 -7.25 39.43
C LEU D 160 34.00 -6.10 40.42
N TYR D 161 34.58 -6.35 41.59
CA TYR D 161 34.75 -5.30 42.58
C TYR D 161 36.21 -5.07 43.06
N GLY D 162 37.16 -5.00 42.11
CA GLY D 162 38.58 -4.77 42.37
C GLY D 162 39.24 -5.27 43.67
N MET E 1 -49.81 3.41 -39.31
CA MET E 1 -48.47 2.73 -39.26
C MET E 1 -47.87 2.59 -40.66
N PHE E 2 -48.70 2.21 -41.63
CA PHE E 2 -48.25 2.07 -43.00
C PHE E 2 -49.12 2.99 -43.80
N VAL E 3 -48.59 3.54 -44.89
CA VAL E 3 -49.38 4.42 -45.74
C VAL E 3 -49.10 4.02 -47.18
N LEU E 4 -50.08 4.21 -48.06
CA LEU E 4 -49.91 3.82 -49.46
C LEU E 4 -49.60 4.98 -50.40
N SER E 5 -48.33 5.18 -50.71
CA SER E 5 -47.95 6.26 -51.61
C SER E 5 -46.88 5.79 -52.60
N GLY E 6 -46.98 6.27 -53.83
CA GLY E 6 -46.02 5.86 -54.85
C GLY E 6 -46.38 4.45 -55.29
N GLY E 7 -47.46 3.92 -54.73
CA GLY E 7 -47.86 2.59 -55.09
C GLY E 7 -47.24 1.55 -54.17
N ARG E 8 -46.42 2.01 -53.22
CA ARG E 8 -45.76 1.13 -52.27
C ARG E 8 -46.13 1.51 -50.83
N TRP E 9 -46.26 0.52 -49.96
CA TRP E 9 -46.57 0.79 -48.55
C TRP E 9 -45.31 1.19 -47.77
N GLU E 10 -45.24 2.45 -47.37
CA GLU E 10 -44.09 2.96 -46.62
C GLU E 10 -44.59 3.05 -45.19
N LYS E 11 -43.68 3.09 -44.23
CA LYS E 11 -44.05 3.18 -42.82
C LYS E 11 -44.21 4.66 -42.51
N THR E 12 -44.92 4.96 -41.43
CA THR E 12 -45.16 6.34 -41.02
C THR E 12 -44.33 6.71 -39.80
N ASP E 13 -43.55 5.76 -39.31
CA ASP E 13 -42.68 5.99 -38.17
C ASP E 13 -41.28 6.24 -38.70
N LEU E 14 -40.79 7.45 -38.51
CA LEU E 14 -39.46 7.79 -38.99
C LEU E 14 -38.51 8.16 -37.87
N THR E 15 -37.24 8.24 -38.24
CA THR E 15 -36.20 8.62 -37.30
C THR E 15 -35.55 9.88 -37.84
N TYR E 16 -34.88 10.61 -36.96
CA TYR E 16 -34.13 11.78 -37.39
C TYR E 16 -32.91 11.98 -36.48
N ARG E 17 -31.94 12.70 -36.99
CA ARG E 17 -30.72 12.96 -36.25
C ARG E 17 -30.20 14.35 -36.60
N ILE E 18 -29.79 15.05 -35.55
CA ILE E 18 -29.23 16.38 -35.65
C ILE E 18 -27.73 16.13 -35.52
N LEU E 19 -27.02 16.23 -36.65
CA LEU E 19 -25.57 16.03 -36.66
C LEU E 19 -24.80 17.13 -35.92
N ARG E 20 -24.90 18.38 -36.38
CA ARG E 20 -24.23 19.50 -35.74
C ARG E 20 -25.23 20.59 -35.39
N PHE E 21 -24.89 21.40 -34.38
CA PHE E 21 -25.76 22.46 -33.92
C PHE E 21 -25.27 23.83 -34.27
N PRO E 22 -26.14 24.84 -34.18
CA PRO E 22 -25.77 26.22 -34.48
C PRO E 22 -25.02 26.71 -33.23
N TRP E 23 -24.14 27.70 -33.34
CA TRP E 23 -23.43 28.12 -32.13
C TRP E 23 -24.19 29.10 -31.21
N GLN E 24 -25.16 29.85 -31.73
CA GLN E 24 -25.86 30.83 -30.89
C GLN E 24 -26.91 30.30 -29.91
N LEU E 25 -27.34 29.04 -30.06
CA LEU E 25 -28.37 28.47 -29.19
C LEU E 25 -27.95 27.25 -28.38
N VAL E 26 -28.47 27.15 -27.16
CA VAL E 26 -28.16 26.00 -26.31
C VAL E 26 -28.77 24.79 -27.01
N ARG E 27 -28.00 23.70 -27.07
CA ARG E 27 -28.42 22.47 -27.73
C ARG E 27 -29.80 21.98 -27.35
N GLU E 28 -30.14 22.04 -26.07
CA GLU E 28 -31.44 21.58 -25.62
C GLU E 28 -32.58 22.31 -26.34
N GLN E 29 -32.40 23.60 -26.56
CA GLN E 29 -33.40 24.40 -27.23
C GLN E 29 -33.53 24.04 -28.71
N VAL E 30 -32.41 23.72 -29.34
CA VAL E 30 -32.43 23.35 -30.74
C VAL E 30 -33.18 22.03 -30.89
N ARG E 31 -32.95 21.12 -29.94
CA ARG E 31 -33.59 19.82 -29.99
C ARG E 31 -35.11 19.93 -29.86
N GLN E 32 -35.57 20.66 -28.87
CA GLN E 32 -37.00 20.81 -28.69
C GLN E 32 -37.63 21.56 -29.86
N THR E 33 -36.89 22.51 -30.42
CA THR E 33 -37.39 23.28 -31.54
C THR E 33 -37.60 22.36 -32.76
N VAL E 34 -36.64 21.48 -33.00
CA VAL E 34 -36.72 20.54 -34.10
C VAL E 34 -37.93 19.62 -33.92
N ALA E 35 -38.17 19.21 -32.69
CA ALA E 35 -39.29 18.35 -32.37
C ALA E 35 -40.60 19.08 -32.62
N GLU E 36 -40.68 20.30 -32.15
CA GLU E 36 -41.87 21.12 -32.30
C GLU E 36 -42.21 21.42 -33.77
N ALA E 37 -41.17 21.61 -34.59
CA ALA E 37 -41.35 21.90 -36.00
C ALA E 37 -41.75 20.64 -36.73
N LEU E 38 -41.29 19.50 -36.23
CA LEU E 38 -41.64 18.23 -36.82
C LEU E 38 -43.11 17.94 -36.40
N GLN E 39 -43.43 18.22 -35.15
CA GLN E 39 -44.76 18.01 -34.63
C GLN E 39 -45.90 18.77 -35.30
N VAL E 40 -45.62 19.95 -35.86
CA VAL E 40 -46.70 20.70 -36.49
C VAL E 40 -47.26 19.86 -37.65
N TRP E 41 -46.37 19.07 -38.27
CA TRP E 41 -46.71 18.18 -39.38
C TRP E 41 -47.26 16.82 -38.95
N SER E 42 -46.76 16.27 -37.85
CA SER E 42 -47.22 14.96 -37.43
C SER E 42 -48.61 14.98 -36.78
N GLU E 43 -49.04 16.15 -36.32
CA GLU E 43 -50.34 16.30 -35.69
C GLU E 43 -51.50 15.98 -36.64
N VAL E 44 -51.43 16.46 -37.87
CA VAL E 44 -52.50 16.21 -38.81
C VAL E 44 -52.33 14.93 -39.65
N THR E 45 -51.33 14.12 -39.32
CA THR E 45 -51.06 12.89 -40.05
C THR E 45 -50.83 11.74 -39.07
N PRO E 46 -50.45 10.56 -39.60
CA PRO E 46 -50.19 9.39 -38.75
C PRO E 46 -48.70 9.29 -38.37
N LEU E 47 -47.89 10.17 -38.96
CA LEU E 47 -46.45 10.23 -38.75
C LEU E 47 -46.01 10.42 -37.28
N THR E 48 -44.90 9.79 -36.94
CA THR E 48 -44.27 9.94 -35.64
C THR E 48 -42.81 10.10 -35.96
N PHE E 49 -42.10 10.84 -35.12
CA PHE E 49 -40.71 11.09 -35.35
C PHE E 49 -39.98 10.78 -34.06
N THR E 50 -38.91 10.02 -34.19
CA THR E 50 -38.10 9.64 -33.06
C THR E 50 -36.65 10.07 -33.34
N GLU E 51 -36.03 10.73 -32.35
CA GLU E 51 -34.65 11.17 -32.52
C GLU E 51 -33.66 10.07 -32.19
N VAL E 52 -32.62 9.95 -33.02
CA VAL E 52 -31.57 8.97 -32.80
C VAL E 52 -30.26 9.72 -32.67
N HIS E 53 -29.25 9.08 -32.07
CA HIS E 53 -27.96 9.74 -31.89
C HIS E 53 -26.73 9.09 -32.52
N GLU E 54 -26.94 8.20 -33.48
CA GLU E 54 -25.83 7.52 -34.12
C GLU E 54 -26.39 6.87 -35.37
N GLY E 55 -25.53 6.44 -36.28
CA GLY E 55 -26.00 5.82 -37.50
C GLY E 55 -26.68 6.81 -38.41
N ARG E 56 -27.38 6.31 -39.42
CA ARG E 56 -28.10 7.15 -40.37
C ARG E 56 -29.61 7.02 -40.16
N ALA E 57 -30.29 8.16 -40.01
CA ALA E 57 -31.74 8.21 -39.79
C ALA E 57 -32.50 8.52 -41.07
N ASP E 58 -33.83 8.51 -41.01
CA ASP E 58 -34.66 8.82 -42.20
C ASP E 58 -34.53 10.28 -42.65
N ILE E 59 -34.16 11.14 -41.72
CA ILE E 59 -33.97 12.55 -41.99
C ILE E 59 -32.70 12.96 -41.23
N MET E 60 -31.68 13.36 -41.99
CA MET E 60 -30.41 13.77 -41.46
C MET E 60 -30.31 15.30 -41.47
N ILE E 61 -30.22 15.89 -40.26
CA ILE E 61 -30.16 17.35 -40.08
C ILE E 61 -28.77 17.86 -39.76
N ASP E 62 -28.39 18.95 -40.42
CA ASP E 62 -27.06 19.50 -40.21
C ASP E 62 -27.00 21.00 -40.42
N PHE E 63 -26.04 21.62 -39.75
CA PHE E 63 -25.80 23.05 -39.89
C PHE E 63 -24.43 23.15 -40.56
N ALA E 64 -24.41 23.76 -41.73
CA ALA E 64 -23.18 23.90 -42.50
C ALA E 64 -23.08 25.28 -43.11
N ARG E 65 -21.90 25.60 -43.57
CA ARG E 65 -21.66 26.89 -44.19
C ARG E 65 -21.00 26.73 -45.55
N TYR E 66 -21.55 27.50 -46.44
CA TYR E 66 -21.12 27.57 -47.83
C TYR E 66 -21.14 26.18 -48.49
N TRP E 67 -20.27 26.14 -49.48
CA TRP E 67 -19.53 24.64 -49.62
C TRP E 67 -19.34 23.52 -48.59
N HIS E 68 -20.30 22.61 -48.59
CA HIS E 68 -20.31 21.50 -47.63
C HIS E 68 -20.57 20.12 -48.28
N GLY E 69 -20.20 20.01 -49.54
CA GLY E 69 -20.16 18.70 -50.24
C GLY E 69 -21.44 18.15 -50.84
N ASP E 70 -22.32 19.01 -51.35
CA ASP E 70 -23.55 18.47 -51.92
C ASP E 70 -24.10 19.19 -53.14
N ASN E 71 -23.34 20.14 -53.67
CA ASN E 71 -23.75 20.85 -54.87
C ASN E 71 -24.82 21.89 -54.66
N LEU E 72 -25.08 22.25 -53.40
CA LEU E 72 -25.80 23.48 -53.06
C LEU E 72 -25.06 24.31 -52.00
N PRO E 73 -23.99 25.00 -52.43
CA PRO E 73 -23.25 25.80 -51.46
C PRO E 73 -24.14 26.86 -50.81
N PHE E 74 -23.86 27.21 -49.56
CA PHE E 74 -24.62 28.23 -48.87
C PHE E 74 -23.99 29.58 -49.21
N ASP E 75 -24.58 30.67 -48.72
CA ASP E 75 -24.11 32.01 -49.07
C ASP E 75 -23.85 33.00 -47.92
N GLY E 76 -23.49 32.53 -46.74
CA GLY E 76 -23.25 33.44 -45.62
C GLY E 76 -24.52 34.01 -45.02
N PRO E 77 -24.47 35.09 -44.20
CA PRO E 77 -25.68 35.67 -43.60
C PRO E 77 -26.66 36.13 -44.66
N GLY E 78 -27.95 35.96 -44.41
CA GLY E 78 -28.93 36.36 -45.39
C GLY E 78 -29.05 35.35 -46.53
N GLY E 79 -29.72 35.74 -47.62
CA GLY E 79 -29.91 34.83 -48.74
C GLY E 79 -30.60 33.53 -48.37
N ILE E 80 -30.06 32.41 -48.83
CA ILE E 80 -30.61 31.11 -48.53
C ILE E 80 -30.34 30.85 -47.05
N LEU E 81 -31.33 30.38 -46.32
CA LEU E 81 -31.20 30.08 -44.89
C LEU E 81 -31.15 28.57 -44.67
N ALA E 82 -31.61 27.82 -45.65
CA ALA E 82 -31.62 26.38 -45.54
C ALA E 82 -32.16 25.76 -46.80
N HIS E 83 -32.08 24.45 -46.83
CA HIS E 83 -32.58 23.67 -47.94
C HIS E 83 -32.62 22.19 -47.56
N ALA E 84 -33.41 21.44 -48.32
CA ALA E 84 -33.58 20.02 -48.09
C ALA E 84 -33.48 19.31 -49.41
N PHE E 85 -32.76 18.20 -49.46
CA PHE E 85 -32.67 17.50 -50.72
C PHE E 85 -32.54 16.00 -50.49
N PHE E 86 -32.73 15.24 -51.56
CA PHE E 86 -32.65 13.80 -51.45
C PHE E 86 -31.38 13.28 -52.12
N PRO E 87 -30.40 12.84 -51.31
CA PRO E 87 -29.15 12.33 -51.87
C PRO E 87 -29.44 11.05 -52.65
N LYS E 88 -28.76 10.88 -53.78
CA LYS E 88 -29.00 9.70 -54.62
C LYS E 88 -28.32 8.43 -54.11
N THR E 89 -27.33 8.63 -53.26
CA THR E 89 -26.54 7.54 -52.72
C THR E 89 -26.93 7.09 -51.31
N HIS E 90 -28.01 7.64 -50.75
CA HIS E 90 -28.44 7.29 -49.40
C HIS E 90 -29.95 7.44 -49.27
N ARG E 91 -30.64 6.40 -48.82
CA ARG E 91 -32.07 6.56 -48.67
C ARG E 91 -32.34 7.25 -47.35
N GLU E 92 -32.40 8.58 -47.45
CA GLU E 92 -32.63 9.50 -46.34
C GLU E 92 -32.90 10.85 -46.95
N GLY E 93 -33.48 11.74 -46.16
CA GLY E 93 -33.74 13.09 -46.64
C GLY E 93 -32.76 13.98 -45.90
N ASP E 94 -32.03 14.84 -46.61
CA ASP E 94 -31.06 15.70 -45.93
C ASP E 94 -31.61 17.11 -45.71
N VAL E 95 -31.47 17.62 -44.48
CA VAL E 95 -31.95 18.95 -44.17
C VAL E 95 -30.78 19.76 -43.64
N HIS E 96 -30.43 20.81 -44.38
CA HIS E 96 -29.31 21.65 -44.00
C HIS E 96 -29.66 23.09 -43.68
N PHE E 97 -29.24 23.56 -42.53
CA PHE E 97 -29.50 24.93 -42.13
C PHE E 97 -28.19 25.66 -42.34
N ASP E 98 -28.26 26.93 -42.75
CA ASP E 98 -27.05 27.73 -42.98
C ASP E 98 -26.40 28.21 -41.67
N TYR E 99 -25.28 27.62 -41.33
CA TYR E 99 -24.57 27.98 -40.12
C TYR E 99 -24.27 29.48 -39.96
N ASP E 100 -24.24 30.23 -41.04
CA ASP E 100 -23.94 31.66 -40.99
C ASP E 100 -25.07 32.60 -40.65
N GLU E 101 -26.25 32.08 -40.33
CA GLU E 101 -27.35 32.96 -39.97
C GLU E 101 -27.25 33.21 -38.48
N THR E 102 -27.89 34.27 -38.02
CA THR E 102 -27.88 34.53 -36.60
C THR E 102 -29.18 33.85 -36.16
N TRP E 103 -29.09 32.55 -35.90
CA TRP E 103 -30.25 31.77 -35.47
C TRP E 103 -30.81 32.18 -34.10
N THR E 104 -32.12 32.39 -34.06
CA THR E 104 -32.79 32.77 -32.82
C THR E 104 -34.10 31.98 -32.78
N ILE E 105 -34.85 32.14 -31.70
CA ILE E 105 -36.13 31.45 -31.53
C ILE E 105 -37.06 32.36 -30.73
N GLY E 106 -38.26 32.60 -31.25
CA GLY E 106 -39.21 33.43 -30.53
C GLY E 106 -38.94 34.92 -30.48
N ASP E 107 -37.97 35.36 -31.27
CA ASP E 107 -37.58 36.75 -31.38
C ASP E 107 -37.91 37.26 -32.80
N ASN E 108 -38.80 38.23 -32.87
CA ASN E 108 -39.27 38.79 -34.13
C ASN E 108 -38.21 39.57 -34.91
N GLN E 109 -37.00 39.62 -34.38
CA GLN E 109 -35.91 40.37 -35.00
C GLN E 109 -34.89 39.54 -35.73
N GLY E 110 -34.72 38.30 -35.30
CA GLY E 110 -33.74 37.45 -35.94
C GLY E 110 -34.33 36.52 -36.99
N THR E 111 -33.64 35.42 -37.19
CA THR E 111 -34.01 34.39 -38.13
C THR E 111 -34.52 33.21 -37.30
N ASP E 112 -35.84 33.02 -37.35
CA ASP E 112 -36.47 31.96 -36.59
C ASP E 112 -36.26 30.52 -37.04
N LEU E 113 -35.55 29.76 -36.23
CA LEU E 113 -35.27 28.37 -36.55
C LEU E 113 -36.53 27.50 -36.55
N LEU E 114 -37.57 27.92 -35.85
CA LEU E 114 -38.79 27.13 -35.82
C LEU E 114 -39.39 27.16 -37.22
N GLN E 115 -39.71 28.37 -37.68
CA GLN E 115 -40.29 28.53 -38.99
C GLN E 115 -39.45 27.92 -40.11
N VAL E 116 -38.16 28.26 -40.14
CA VAL E 116 -37.29 27.76 -41.19
C VAL E 116 -37.24 26.23 -41.17
N ALA E 117 -37.22 25.66 -39.98
CA ALA E 117 -37.21 24.22 -39.82
C ALA E 117 -38.49 23.58 -40.29
N ALA E 118 -39.61 24.13 -39.82
CA ALA E 118 -40.93 23.59 -40.16
C ALA E 118 -41.09 23.60 -41.69
N HIS E 119 -40.52 24.64 -42.29
CA HIS E 119 -40.55 24.79 -43.72
C HIS E 119 -39.68 23.70 -44.40
N GLU E 120 -38.44 23.53 -43.94
CA GLU E 120 -37.58 22.53 -44.55
C GLU E 120 -38.12 21.12 -44.35
N PHE E 121 -38.77 20.86 -43.21
CA PHE E 121 -39.31 19.53 -42.95
C PHE E 121 -40.53 19.30 -43.84
N GLY E 122 -41.13 20.40 -44.28
CA GLY E 122 -42.26 20.31 -45.17
C GLY E 122 -41.68 19.77 -46.46
N HIS E 123 -40.52 20.29 -46.84
CA HIS E 123 -39.84 19.84 -48.03
C HIS E 123 -39.41 18.38 -47.94
N VAL E 124 -38.54 18.10 -46.98
CA VAL E 124 -38.02 16.75 -46.81
C VAL E 124 -39.14 15.73 -46.75
N LEU E 125 -40.35 16.19 -46.44
CA LEU E 125 -41.48 15.28 -46.34
C LEU E 125 -42.26 15.16 -47.62
N GLY E 126 -41.87 15.94 -48.63
CA GLY E 126 -42.56 15.86 -49.91
C GLY E 126 -43.28 17.08 -50.46
N LEU E 127 -43.43 18.12 -49.66
CA LEU E 127 -44.11 19.34 -50.08
C LEU E 127 -43.30 20.32 -50.92
N GLN E 128 -44.01 21.12 -51.71
CA GLN E 128 -43.38 22.15 -52.51
C GLN E 128 -44.08 23.45 -52.10
N HIS E 129 -43.61 24.58 -52.58
CA HIS E 129 -44.20 25.85 -52.23
C HIS E 129 -45.64 26.05 -52.63
N THR E 130 -46.41 26.69 -51.75
CA THR E 130 -47.79 27.02 -52.05
C THR E 130 -47.68 28.51 -52.31
N THR E 131 -48.75 29.14 -52.77
CA THR E 131 -48.73 30.59 -53.02
C THR E 131 -49.62 31.24 -51.98
N ALA E 132 -50.37 30.37 -51.28
CA ALA E 132 -51.30 30.77 -50.23
C ALA E 132 -50.80 31.81 -49.25
N ALA E 133 -51.74 32.59 -48.75
CA ALA E 133 -51.47 33.65 -47.79
C ALA E 133 -50.95 33.01 -46.50
N LYS E 134 -49.96 33.69 -45.89
CA LYS E 134 -49.34 33.24 -44.64
C LYS E 134 -49.12 31.72 -44.51
N ALA E 135 -48.49 31.12 -45.51
CA ALA E 135 -48.26 29.68 -45.49
C ALA E 135 -46.89 29.27 -44.96
N LEU E 136 -46.84 28.12 -44.30
CA LEU E 136 -45.59 27.57 -43.78
C LEU E 136 -44.67 27.33 -44.98
N MET E 137 -45.27 26.95 -46.10
CA MET E 137 -44.54 26.66 -47.32
C MET E 137 -44.34 27.79 -48.31
N SER E 138 -44.36 29.05 -47.84
CA SER E 138 -44.08 30.15 -48.75
C SER E 138 -42.59 30.06 -49.10
N PRO E 139 -42.15 30.69 -50.20
CA PRO E 139 -40.74 30.66 -50.62
C PRO E 139 -39.92 31.60 -49.73
N PHE E 140 -40.55 32.67 -49.28
CA PHE E 140 -39.88 33.68 -48.47
C PHE E 140 -40.24 33.62 -47.00
N TYR E 141 -39.24 33.92 -46.17
CA TYR E 141 -39.39 33.92 -44.73
C TYR E 141 -39.73 35.28 -44.16
N THR E 142 -40.76 35.33 -43.33
CA THR E 142 -41.12 36.55 -42.62
C THR E 142 -41.55 36.03 -41.25
N PHE E 143 -41.07 36.67 -40.18
CA PHE E 143 -41.42 36.23 -38.84
C PHE E 143 -42.96 36.18 -38.68
N ARG E 144 -43.46 35.04 -38.23
CA ARG E 144 -44.90 34.84 -38.08
C ARG E 144 -45.07 33.93 -36.88
N TYR E 145 -45.47 34.44 -35.70
CA TYR E 145 -45.40 33.46 -34.65
C TYR E 145 -46.39 32.49 -34.19
N PRO E 146 -47.68 32.80 -34.19
CA PRO E 146 -48.11 31.48 -33.65
C PRO E 146 -47.83 30.50 -34.86
N LEU E 147 -47.00 29.47 -34.66
CA LEU E 147 -46.69 28.57 -35.77
C LEU E 147 -47.83 27.62 -36.06
N SER E 148 -48.45 27.75 -37.22
CA SER E 148 -49.56 26.88 -37.56
C SER E 148 -49.67 26.59 -39.05
N LEU E 149 -50.30 25.48 -39.38
CA LEU E 149 -50.47 25.11 -40.77
C LEU E 149 -51.64 25.90 -41.36
N SER E 150 -51.48 26.38 -42.58
CA SER E 150 -52.55 27.06 -43.28
C SER E 150 -53.38 25.92 -43.86
N PRO E 151 -54.64 26.17 -44.24
CA PRO E 151 -55.42 25.06 -44.79
C PRO E 151 -54.68 24.36 -45.93
N ASP E 152 -53.96 25.15 -46.72
CA ASP E 152 -53.21 24.61 -47.84
C ASP E 152 -52.04 23.70 -47.43
N ASP E 153 -51.41 24.01 -46.29
CA ASP E 153 -50.31 23.18 -45.79
C ASP E 153 -50.90 21.85 -45.33
N ARG E 154 -52.02 21.91 -44.62
CA ARG E 154 -52.68 20.71 -44.09
C ARG E 154 -53.12 19.70 -45.16
N ARG E 155 -53.75 20.18 -46.23
CA ARG E 155 -54.24 19.29 -47.29
C ARG E 155 -53.07 18.63 -47.97
N GLY E 156 -52.03 19.42 -48.20
CA GLY E 156 -50.83 18.91 -48.82
C GLY E 156 -50.24 17.78 -48.01
N ILE E 157 -49.87 18.02 -46.76
CA ILE E 157 -49.28 16.95 -45.97
C ILE E 157 -50.18 15.71 -45.87
N GLN E 158 -51.48 15.92 -45.69
CA GLN E 158 -52.38 14.79 -45.61
C GLN E 158 -52.43 13.99 -46.91
N HIS E 159 -52.52 14.67 -48.05
CA HIS E 159 -52.53 13.95 -49.32
C HIS E 159 -51.42 12.89 -49.32
N LEU E 160 -50.22 13.28 -48.94
CA LEU E 160 -49.12 12.34 -48.93
C LEU E 160 -49.12 11.33 -47.79
N TYR E 161 -49.61 11.69 -46.60
CA TYR E 161 -49.59 10.73 -45.49
C TYR E 161 -50.93 10.39 -44.85
N GLY E 162 -52.01 11.04 -45.28
CA GLY E 162 -53.32 10.78 -44.70
C GLY E 162 -53.62 11.44 -43.35
N ARG E 163 -54.80 11.15 -42.80
CA ARG E 163 -55.19 11.70 -41.53
C ARG E 163 -54.85 10.78 -40.38
N PRO E 164 -55.04 11.27 -39.13
CA PRO E 164 -54.77 10.48 -37.94
C PRO E 164 -55.82 9.40 -37.71
N GLN E 165 -55.37 8.17 -37.57
CA GLN E 165 -56.23 7.02 -37.30
C GLN E 165 -57.17 7.33 -36.15
N MET F 1 -9.12 -67.11 37.47
CA MET F 1 -7.99 -66.85 36.50
C MET F 1 -8.26 -67.42 35.12
N PHE F 2 -7.28 -67.28 34.23
CA PHE F 2 -7.41 -67.76 32.86
C PHE F 2 -8.42 -66.91 32.11
N VAL F 3 -7.87 -65.95 31.37
CA VAL F 3 -8.66 -65.04 30.57
C VAL F 3 -8.11 -65.19 29.17
N LEU F 4 -8.98 -65.25 28.18
CA LEU F 4 -8.51 -65.37 26.80
C LEU F 4 -8.11 -63.97 26.40
N SER F 5 -6.86 -63.82 25.98
CA SER F 5 -6.33 -62.52 25.60
C SER F 5 -5.16 -62.65 24.65
N GLY F 6 -5.21 -61.93 23.53
CA GLY F 6 -4.13 -62.00 22.57
C GLY F 6 -4.09 -63.37 21.92
N GLY F 7 -5.22 -64.08 22.00
CA GLY F 7 -5.31 -65.41 21.42
C GLY F 7 -4.78 -66.53 22.31
N ARG F 8 -4.23 -66.15 23.47
CA ARG F 8 -3.66 -67.11 24.40
C ARG F 8 -4.31 -67.02 25.76
N TRP F 9 -4.50 -68.16 26.41
CA TRP F 9 -5.09 -68.17 27.75
C TRP F 9 -4.04 -67.70 28.74
N GLU F 10 -4.30 -66.59 29.40
CA GLU F 10 -3.31 -66.08 30.33
C GLU F 10 -3.78 -66.07 31.79
N LYS F 11 -2.80 -66.05 32.68
CA LYS F 11 -3.00 -66.03 34.13
C LYS F 11 -3.56 -64.65 34.54
N THR F 12 -4.50 -64.62 35.48
CA THR F 12 -5.07 -63.38 35.97
C THR F 12 -4.57 -63.03 37.39
N ASP F 13 -3.67 -63.85 37.91
CA ASP F 13 -3.12 -63.60 39.22
C ASP F 13 -1.63 -63.35 39.02
N LEU F 14 -1.21 -62.11 39.18
CA LEU F 14 0.19 -61.73 38.98
C LEU F 14 0.92 -61.42 40.28
N THR F 15 2.25 -61.42 40.20
CA THR F 15 3.08 -61.13 41.35
C THR F 15 3.84 -59.83 41.14
N TYR F 16 4.10 -59.10 42.22
CA TYR F 16 4.87 -57.86 42.14
C TYR F 16 5.89 -57.82 43.27
N ARG F 17 6.99 -57.10 43.04
CA ARG F 17 8.06 -56.97 44.02
C ARG F 17 8.61 -55.54 44.10
N ILE F 18 8.79 -55.05 45.32
CA ILE F 18 9.33 -53.71 45.54
C ILE F 18 10.80 -53.91 45.88
N LEU F 19 11.68 -53.51 44.96
CA LEU F 19 13.11 -53.67 45.13
C LEU F 19 13.74 -52.68 46.13
N ARG F 20 13.58 -51.39 45.86
CA ARG F 20 14.11 -50.35 46.73
C ARG F 20 13.02 -49.36 47.10
N PHE F 21 13.14 -48.81 48.31
CA PHE F 21 12.14 -47.87 48.82
C PHE F 21 12.59 -46.42 48.90
N PRO F 22 11.63 -45.47 48.90
CA PRO F 22 11.92 -44.03 48.97
C PRO F 22 12.55 -43.64 50.29
N TRP F 23 13.23 -42.50 50.32
CA TRP F 23 13.85 -42.08 51.57
C TRP F 23 12.83 -41.90 52.74
N GLN F 24 11.76 -41.16 52.49
CA GLN F 24 10.86 -40.64 53.59
C GLN F 24 9.64 -41.42 54.16
N LEU F 25 9.29 -42.58 53.69
CA LEU F 25 8.14 -43.31 54.25
C LEU F 25 8.64 -44.64 54.75
N VAL F 26 7.99 -45.28 55.72
CA VAL F 26 8.49 -46.60 56.15
C VAL F 26 7.99 -47.67 55.18
N ARG F 27 8.77 -48.75 55.04
CA ARG F 27 8.43 -49.85 54.13
C ARG F 27 7.01 -50.38 54.26
N GLU F 28 6.54 -50.53 55.48
CA GLU F 28 5.20 -51.03 55.69
C GLU F 28 4.19 -50.08 55.04
N GLN F 29 4.45 -48.78 55.12
CA GLN F 29 3.58 -47.75 54.55
C GLN F 29 3.51 -47.83 53.02
N VAL F 30 4.67 -48.06 52.43
CA VAL F 30 4.83 -48.17 50.99
C VAL F 30 4.09 -49.41 50.45
N ARG F 31 4.25 -50.54 51.14
CA ARG F 31 3.60 -51.77 50.74
C ARG F 31 2.09 -51.61 50.72
N GLN F 32 1.57 -50.98 51.77
CA GLN F 32 0.15 -50.74 51.91
C GLN F 32 -0.38 -49.77 50.86
N THR F 33 0.43 -48.77 50.54
CA THR F 33 0.03 -47.80 49.55
C THR F 33 0.06 -48.43 48.16
N VAL F 34 1.10 -49.20 47.86
CA VAL F 34 1.23 -49.85 46.57
C VAL F 34 0.06 -50.84 46.33
N ALA F 35 -0.32 -51.53 47.39
CA ALA F 35 -1.41 -52.50 47.32
C ALA F 35 -2.73 -51.77 47.11
N GLU F 36 -2.90 -50.64 47.79
CA GLU F 36 -4.13 -49.86 47.64
C GLU F 36 -4.20 -49.29 46.22
N ALA F 37 -3.05 -49.02 45.62
CA ALA F 37 -3.01 -48.50 44.27
C ALA F 37 -3.37 -49.62 43.29
N LEU F 38 -2.82 -50.81 43.50
CA LEU F 38 -3.10 -51.92 42.62
C LEU F 38 -4.58 -52.23 42.67
N GLN F 39 -5.12 -52.10 43.87
CA GLN F 39 -6.51 -52.40 44.12
C GLN F 39 -7.53 -51.58 43.37
N VAL F 40 -7.20 -50.34 42.99
CA VAL F 40 -8.20 -49.57 42.26
C VAL F 40 -8.38 -50.20 40.86
N TRP F 41 -7.36 -50.93 40.41
CA TRP F 41 -7.41 -51.60 39.12
C TRP F 41 -8.00 -52.99 39.22
N SER F 42 -7.60 -53.75 40.24
CA SER F 42 -8.14 -55.07 40.35
C SER F 42 -9.65 -55.00 40.57
N GLU F 43 -10.15 -53.81 40.86
CA GLU F 43 -11.60 -53.66 41.07
C GLU F 43 -12.37 -53.48 39.78
N VAL F 44 -11.69 -53.13 38.70
CA VAL F 44 -12.36 -52.94 37.39
C VAL F 44 -11.85 -53.92 36.33
N THR F 45 -10.93 -54.80 36.75
CA THR F 45 -10.37 -55.79 35.84
C THR F 45 -10.44 -57.10 36.61
N PRO F 46 -10.13 -58.22 35.94
CA PRO F 46 -10.19 -59.52 36.62
C PRO F 46 -8.91 -59.84 37.36
N LEU F 47 -7.89 -59.03 37.14
CA LEU F 47 -6.59 -59.21 37.75
C LEU F 47 -6.52 -59.27 39.28
N THR F 48 -5.42 -59.84 39.75
CA THR F 48 -5.14 -59.99 41.17
C THR F 48 -3.66 -59.76 41.44
N PHE F 49 -3.33 -59.23 42.61
CA PHE F 49 -1.94 -58.94 42.92
C PHE F 49 -1.46 -59.55 44.23
N THR F 50 -0.24 -60.09 44.22
CA THR F 50 0.34 -60.75 45.37
C THR F 50 1.79 -60.30 45.49
N GLU F 51 2.18 -59.81 46.67
CA GLU F 51 3.56 -59.36 46.85
C GLU F 51 4.54 -60.51 47.15
N VAL F 52 5.74 -60.42 46.58
CA VAL F 52 6.80 -61.42 46.78
C VAL F 52 8.04 -60.65 47.21
N HIS F 53 9.01 -61.36 47.81
CA HIS F 53 10.22 -60.70 48.32
C HIS F 53 11.57 -61.24 47.81
N GLU F 54 11.57 -61.86 46.64
CA GLU F 54 12.81 -62.37 46.07
C GLU F 54 12.50 -62.81 44.65
N GLY F 55 13.53 -63.05 43.86
CA GLY F 55 13.31 -63.46 42.49
C GLY F 55 12.66 -62.36 41.70
N ARG F 56 12.25 -62.66 40.47
CA ARG F 56 11.61 -61.69 39.60
C ARG F 56 10.09 -61.88 39.59
N ALA F 57 9.35 -60.79 39.69
CA ALA F 57 7.89 -60.80 39.70
C ALA F 57 7.33 -60.35 38.35
N ASP F 58 6.01 -60.40 38.19
CA ASP F 58 5.41 -59.98 36.93
C ASP F 58 5.54 -58.47 36.79
N ILE F 59 5.55 -57.80 37.93
CA ILE F 59 5.69 -56.35 38.01
C ILE F 59 6.86 -56.03 38.95
N MET F 60 7.87 -55.36 38.40
CA MET F 60 9.05 -55.01 39.16
C MET F 60 9.09 -53.51 39.43
N ILE F 61 8.85 -53.16 40.70
CA ILE F 61 8.80 -51.81 41.23
C ILE F 61 10.11 -51.37 41.86
N ASP F 62 10.61 -50.19 41.48
CA ASP F 62 11.86 -49.69 42.05
C ASP F 62 11.92 -48.17 42.19
N PHE F 63 12.76 -47.71 43.10
CA PHE F 63 12.96 -46.30 43.34
C PHE F 63 14.47 -45.98 43.02
N ALA F 64 14.72 -45.03 42.09
CA ALA F 64 16.12 -44.65 41.69
C ALA F 64 16.18 -43.21 41.13
N ARG F 65 17.41 -42.79 40.85
CA ARG F 65 17.69 -41.43 40.38
C ARG F 65 18.23 -41.39 39.01
N TYR F 66 18.53 -40.35 38.80
CA TYR F 66 19.16 -40.16 37.47
C TYR F 66 19.97 -41.33 37.08
N TRP F 67 19.69 -41.89 36.04
CA TRP F 67 20.50 -42.99 35.63
C TRP F 67 20.50 -44.23 36.44
N HIS F 68 19.48 -45.15 36.15
CA HIS F 68 19.54 -46.46 36.73
C HIS F 68 19.31 -47.72 35.91
N GLY F 69 20.01 -47.73 34.93
CA GLY F 69 19.95 -49.02 34.23
C GLY F 69 19.17 -49.05 32.94
N ASP F 70 18.53 -47.96 32.58
CA ASP F 70 17.82 -47.97 31.33
C ASP F 70 18.02 -46.63 30.62
N ASN F 71 17.38 -46.45 29.47
CA ASN F 71 17.54 -45.23 28.70
C ASN F 71 16.51 -44.19 29.06
N LEU F 72 15.87 -44.36 30.20
CA LEU F 72 14.88 -43.40 30.69
C LEU F 72 15.42 -42.82 32.00
N PRO F 73 16.45 -41.95 31.92
CA PRO F 73 17.06 -41.33 33.11
C PRO F 73 16.11 -40.37 33.83
N PHE F 74 16.17 -40.37 35.17
CA PHE F 74 15.31 -39.47 35.91
C PHE F 74 15.96 -38.08 35.98
N ASP F 75 15.19 -37.07 36.36
CA ASP F 75 15.67 -35.70 36.37
C ASP F 75 15.73 -34.95 37.68
N GLY F 76 15.81 -35.63 38.82
CA GLY F 76 15.86 -34.91 40.08
C GLY F 76 14.51 -34.41 40.54
N PRO F 77 14.45 -33.55 41.58
CA PRO F 77 13.18 -33.03 42.12
C PRO F 77 12.23 -32.53 41.04
N GLY F 78 10.96 -32.94 41.15
CA GLY F 78 9.96 -32.54 40.18
C GLY F 78 10.14 -33.12 38.78
N GLY F 79 9.44 -32.53 37.81
CA GLY F 79 9.53 -33.03 36.44
C GLY F 79 8.91 -34.40 36.38
N ILE F 80 9.63 -35.37 35.81
CA ILE F 80 9.12 -36.73 35.73
C ILE F 80 9.16 -37.34 37.12
N LEU F 81 8.05 -37.95 37.56
CA LEU F 81 7.99 -38.54 38.90
C LEU F 81 8.17 -40.05 38.89
N ALA F 82 7.92 -40.67 37.74
CA ALA F 82 8.03 -42.11 37.65
C ALA F 82 7.73 -42.54 36.22
N HIS F 83 7.84 -43.84 35.95
CA HIS F 83 7.51 -44.34 34.63
C HIS F 83 7.50 -45.86 34.59
N ALA F 84 6.76 -46.41 33.64
CA ALA F 84 6.63 -47.84 33.52
C ALA F 84 6.96 -48.24 32.11
N PHE F 85 7.64 -49.36 31.95
CA PHE F 85 7.97 -49.78 30.60
C PHE F 85 8.10 -51.30 30.53
N PHE F 86 8.20 -51.83 29.32
CA PHE F 86 8.32 -53.27 29.15
C PHE F 86 9.67 -53.67 28.59
N PRO F 87 10.59 -54.14 29.46
CA PRO F 87 11.89 -54.53 28.92
C PRO F 87 11.73 -55.69 27.92
N LYS F 88 12.58 -55.70 26.91
CA LYS F 88 12.48 -56.74 25.89
C LYS F 88 13.12 -58.04 26.36
N THR F 89 14.15 -57.89 27.19
CA THR F 89 14.90 -59.03 27.71
C THR F 89 14.34 -59.70 28.98
N HIS F 90 13.07 -59.45 29.29
CA HIS F 90 12.40 -60.04 30.46
C HIS F 90 10.91 -59.85 30.32
N ARG F 91 10.15 -60.86 30.72
CA ARG F 91 8.69 -60.78 30.68
C ARG F 91 8.19 -60.29 32.06
N GLU F 92 8.12 -58.97 32.14
CA GLU F 92 7.70 -58.31 33.35
C GLU F 92 7.46 -56.87 32.97
N GLY F 93 6.62 -56.21 33.75
CA GLY F 93 6.39 -54.80 33.54
C GLY F 93 7.22 -54.16 34.64
N ASP F 94 8.07 -53.19 34.30
CA ASP F 94 8.89 -52.51 35.28
C ASP F 94 8.28 -51.17 35.67
N VAL F 95 8.22 -50.86 36.96
CA VAL F 95 7.68 -49.56 37.39
C VAL F 95 8.70 -48.84 38.29
N HIS F 96 9.24 -47.73 37.79
CA HIS F 96 10.23 -46.97 38.54
C HIS F 96 9.76 -45.61 39.01
N PHE F 97 10.04 -45.32 40.27
CA PHE F 97 9.67 -44.06 40.88
C PHE F 97 10.93 -43.26 41.06
N ASP F 98 10.89 -41.98 40.73
CA ASP F 98 12.06 -41.13 40.88
C ASP F 98 12.33 -40.94 42.37
N TYR F 99 13.48 -41.44 42.83
CA TYR F 99 13.89 -41.33 44.22
C TYR F 99 14.03 -39.88 44.73
N ASP F 100 14.28 -38.93 43.82
CA ASP F 100 14.44 -37.55 44.24
C ASP F 100 13.18 -36.78 44.58
N GLU F 101 12.00 -37.35 44.38
CA GLU F 101 10.78 -36.64 44.75
C GLU F 101 10.62 -36.75 46.27
N THR F 102 9.86 -35.87 46.89
CA THR F 102 9.63 -35.99 48.33
C THR F 102 8.32 -36.79 48.43
N TRP F 103 8.43 -38.10 48.42
CA TRP F 103 7.27 -38.95 48.49
C TRP F 103 6.45 -38.82 49.75
N THR F 104 5.13 -38.85 49.62
CA THR F 104 4.27 -38.74 50.79
C THR F 104 3.06 -39.63 50.57
N ILE F 105 2.25 -39.75 51.61
CA ILE F 105 1.03 -40.54 51.52
C ILE F 105 -0.13 -39.70 52.04
N GLY F 106 -1.04 -39.38 51.13
CA GLY F 106 -2.21 -38.60 51.47
C GLY F 106 -1.90 -37.17 51.88
N ASP F 107 -0.71 -36.68 51.54
CA ASP F 107 -0.31 -35.32 51.90
C ASP F 107 0.19 -34.53 50.68
N ASN F 108 -0.26 -33.28 50.53
CA ASN F 108 0.16 -32.47 49.36
C ASN F 108 1.53 -31.81 49.49
N GLN F 109 2.14 -31.87 50.67
CA GLN F 109 3.45 -31.26 50.82
C GLN F 109 4.55 -32.11 50.16
N GLY F 110 4.30 -32.50 48.91
CA GLY F 110 5.24 -33.32 48.16
C GLY F 110 4.58 -34.00 46.96
N THR F 111 4.81 -35.29 46.83
CA THR F 111 4.23 -36.07 45.74
C THR F 111 3.61 -37.27 46.41
N ASP F 112 2.29 -37.37 46.31
CA ASP F 112 1.54 -38.47 46.91
C ASP F 112 1.74 -39.77 46.13
N LEU F 113 2.39 -40.73 46.76
CA LEU F 113 2.69 -42.03 46.15
C LEU F 113 1.47 -42.81 45.71
N LEU F 114 0.39 -42.73 46.48
CA LEU F 114 -0.82 -43.46 46.16
C LEU F 114 -1.20 -43.09 44.73
N GLN F 115 -1.23 -41.80 44.45
CA GLN F 115 -1.59 -41.34 43.13
C GLN F 115 -0.64 -41.64 41.98
N VAL F 116 0.65 -41.38 42.15
CA VAL F 116 1.56 -41.65 41.08
C VAL F 116 1.62 -43.16 40.81
N ALA F 117 1.40 -43.96 41.83
CA ALA F 117 1.47 -45.40 41.67
C ALA F 117 0.27 -45.95 40.93
N ALA F 118 -0.94 -45.45 41.24
CA ALA F 118 -2.15 -45.95 40.59
C ALA F 118 -2.08 -45.65 39.09
N HIS F 119 -1.41 -44.55 38.79
CA HIS F 119 -1.24 -44.09 37.44
C HIS F 119 -0.21 -44.97 36.73
N GLU F 120 0.91 -45.22 37.39
CA GLU F 120 1.97 -46.05 36.83
C GLU F 120 1.45 -47.47 36.62
N PHE F 121 0.61 -47.96 37.53
CA PHE F 121 0.04 -49.27 37.36
C PHE F 121 -0.95 -49.27 36.19
N GLY F 122 -1.63 -48.14 35.96
CA GLY F 122 -2.54 -48.02 34.83
C GLY F 122 -1.78 -48.23 33.53
N HIS F 123 -0.53 -47.78 33.50
CA HIS F 123 0.33 -47.95 32.33
C HIS F 123 0.70 -49.40 32.12
N VAL F 124 1.22 -50.03 33.19
CA VAL F 124 1.61 -51.41 33.13
C VAL F 124 0.48 -52.32 32.67
N LEU F 125 -0.77 -51.88 32.83
CA LEU F 125 -1.92 -52.68 32.42
C LEU F 125 -2.46 -52.34 31.02
N GLY F 126 -1.70 -51.55 30.27
CA GLY F 126 -2.10 -51.21 28.93
C GLY F 126 -2.65 -49.83 28.65
N LEU F 127 -2.99 -49.04 29.66
CA LEU F 127 -3.57 -47.72 29.41
C LEU F 127 -2.57 -46.63 28.98
N GLN F 128 -3.06 -45.71 28.15
CA GLN F 128 -2.30 -44.58 27.68
C GLN F 128 -2.97 -43.28 28.12
N HIS F 129 -2.29 -42.16 27.97
CA HIS F 129 -2.86 -40.89 28.41
C HIS F 129 -4.13 -40.43 27.74
N THR F 130 -4.88 -39.62 28.49
CA THR F 130 -6.15 -39.08 28.03
C THR F 130 -6.10 -37.57 28.16
N THR F 131 -6.99 -36.86 27.46
CA THR F 131 -7.04 -35.41 27.53
C THR F 131 -8.07 -34.97 28.56
N ALA F 132 -8.98 -35.88 28.86
CA ALA F 132 -9.99 -35.61 29.83
C ALA F 132 -9.25 -35.27 31.11
N ALA F 133 -9.56 -34.12 31.69
CA ALA F 133 -8.91 -33.72 32.94
C ALA F 133 -9.65 -34.45 34.07
N LYS F 134 -9.05 -34.46 35.27
CA LYS F 134 -9.62 -35.15 36.43
C LYS F 134 -9.55 -36.64 36.17
N ALA F 135 -8.76 -37.00 35.17
CA ALA F 135 -8.57 -38.37 34.82
C ALA F 135 -7.32 -38.86 35.51
N LEU F 136 -7.33 -40.11 35.94
CA LEU F 136 -6.19 -40.70 36.61
C LEU F 136 -5.08 -40.91 35.61
N MET F 137 -5.46 -41.10 34.35
CA MET F 137 -4.48 -41.30 33.31
C MET F 137 -4.10 -40.04 32.55
N SER F 138 -4.25 -38.90 33.21
CA SER F 138 -3.85 -37.63 32.64
C SER F 138 -2.32 -37.59 32.65
N PRO F 139 -1.69 -36.85 31.74
CA PRO F 139 -0.23 -36.85 31.79
C PRO F 139 0.30 -36.14 33.03
N PHE F 140 -0.51 -35.23 33.57
CA PHE F 140 -0.10 -34.42 34.71
C PHE F 140 -0.61 -34.77 36.08
N TYR F 141 0.32 -34.83 37.01
CA TYR F 141 0.02 -35.13 38.39
C TYR F 141 -0.75 -33.99 39.07
N THR F 142 -1.77 -34.34 39.83
CA THR F 142 -2.54 -33.36 40.61
C THR F 142 -2.94 -34.13 41.86
N PHE F 143 -2.72 -33.54 43.03
CA PHE F 143 -3.11 -34.16 44.29
C PHE F 143 -4.65 -34.12 44.29
N ARG F 144 -5.28 -35.25 43.98
CA ARG F 144 -6.73 -35.34 43.92
C ARG F 144 -7.13 -36.40 44.93
N TYR F 145 -8.15 -36.14 45.74
CA TYR F 145 -8.38 -37.14 46.74
C TYR F 145 -9.46 -38.24 46.76
N PRO F 146 -10.80 -38.00 46.62
CA PRO F 146 -11.08 -39.44 46.69
C PRO F 146 -10.47 -40.04 45.39
N LEU F 147 -9.60 -41.04 45.53
CA LEU F 147 -8.95 -41.69 44.40
C LEU F 147 -9.96 -42.64 43.81
N SER F 148 -10.54 -42.24 42.69
CA SER F 148 -11.52 -43.06 42.04
C SER F 148 -11.24 -42.95 40.56
N LEU F 149 -11.67 -43.94 39.79
CA LEU F 149 -11.47 -43.87 38.36
C LEU F 149 -12.55 -42.96 37.81
N SER F 150 -12.17 -42.09 36.87
CA SER F 150 -13.14 -41.19 36.24
C SER F 150 -13.82 -41.93 35.09
N PRO F 151 -14.92 -41.35 34.55
CA PRO F 151 -15.64 -41.98 33.44
C PRO F 151 -14.73 -42.34 32.27
N ASP F 152 -13.82 -41.45 31.92
CA ASP F 152 -12.89 -41.69 30.82
C ASP F 152 -11.90 -42.82 31.15
N ASP F 153 -11.51 -42.92 32.42
CA ASP F 153 -10.61 -43.97 32.84
C ASP F 153 -11.33 -45.30 32.71
N ARG F 154 -12.54 -45.39 33.28
CA ARG F 154 -13.33 -46.61 33.19
C ARG F 154 -13.50 -46.99 31.74
N ARG F 155 -13.76 -46.00 30.90
CA ARG F 155 -13.91 -46.25 29.48
C ARG F 155 -12.62 -46.83 28.96
N GLY F 156 -11.48 -46.24 29.32
CA GLY F 156 -10.20 -46.76 28.87
C GLY F 156 -9.96 -48.23 29.16
N ILE F 157 -10.33 -48.66 30.38
CA ILE F 157 -10.18 -50.04 30.80
C ILE F 157 -11.09 -50.93 29.95
N GLN F 158 -12.36 -50.54 29.84
CA GLN F 158 -13.31 -51.28 29.05
C GLN F 158 -12.83 -51.50 27.61
N HIS F 159 -12.02 -50.57 27.10
CA HIS F 159 -11.48 -50.65 25.76
C HIS F 159 -10.41 -51.74 25.64
N LEU F 160 -9.69 -52.00 26.72
CA LEU F 160 -8.65 -53.04 26.74
C LEU F 160 -9.19 -54.40 27.17
N TYR F 161 -9.91 -54.43 28.28
CA TYR F 161 -10.52 -55.66 28.83
C TYR F 161 -12.01 -55.48 28.48
N GLY F 162 -12.71 -56.52 28.04
CA GLY F 162 -14.12 -56.30 27.68
C GLY F 162 -14.97 -55.33 28.54
ZN ZN G . -0.26 26.80 -56.86
ZN ZN H . -8.48 32.26 -48.11
CA CA I . 0.62 37.99 -56.14
C1 CPS J . -13.37 30.15 -52.21
C2 CPS J . -14.32 31.37 -52.23
C3 CPS J . -12.55 33.04 -53.05
C4 CPS J . -11.65 34.42 -53.17
C5 CPS J . -12.54 35.61 -53.02
C6 CPS J . -13.55 35.37 -51.89
C7 CPS J . -14.37 36.60 -51.73
C8 CPS J . -13.41 37.76 -52.37
C9 CPS J . -12.08 36.95 -52.88
C10 CPS J . -13.57 35.61 -54.45
C11 CPS J . -15.11 31.50 -53.62
C12 CPS J . -12.73 29.84 -50.86
C13 CPS J . -13.69 29.73 -49.74
C14 CPS J . -14.62 30.99 -49.62
C15 CPS J . -15.31 31.22 -51.03
C16 CPS J . -16.21 32.38 -50.93
C17 CPS J . -15.65 33.79 -50.86
C18 CPS J . -14.49 34.15 -51.94
C19 CPS J . -13.59 32.74 -51.99
C20 CPS J . -11.47 37.79 -54.10
C21 CPS J . -10.29 37.21 -54.85
C22 CPS J . -11.09 39.22 -53.57
C23 CPS J . -10.55 40.13 -54.54
O2 CPS J . -13.03 29.46 -48.41
O3 CPS J . -15.08 34.07 -49.72
O4 CPS J . -10.94 34.42 -52.18
C1 CPS K . -3.82 15.22 -45.44
C2 CPS K . -4.79 16.33 -45.03
C3 CPS K . -5.53 15.14 -42.88
C4 CPS K . -6.52 14.49 -41.74
C5 CPS K . -7.58 15.48 -41.36
C6 CPS K . -8.12 16.15 -42.62
C7 CPS K . -9.23 17.08 -42.22
C8 CPS K . -9.72 16.48 -40.78
C9 CPS K . -8.71 15.19 -40.53
C10 CPS K . -6.78 16.82 -40.55
C11 CPS K . -4.08 17.52 -44.22
C12 CPS K . -4.44 14.14 -46.30
C13 CPS K . -5.07 14.67 -47.55
C14 CPS K . -6.14 15.79 -47.21
C15 CPS K . -5.45 16.89 -46.30
C16 CPS K . -6.45 17.91 -46.00
C17 CPS K . -7.60 17.61 -45.01
C18 CPS K . -7.17 16.86 -43.60
C19 CPS K . -5.98 15.78 -44.16
C20 CPS K . -8.63 14.98 -38.95
C21 CPS K . -7.67 13.94 -38.41
C22 CPS K . -10.08 14.72 -38.42
C23 CPS K . -10.21 14.54 -37.01
O2 CPS K . -5.74 13.61 -48.41
O3 CPS K . -8.55 16.82 -45.50
O4 CPS K . -7.11 13.57 -42.34
N1 RXP L . -4.13 40.39 -50.80
N2 RXP L . -6.16 37.55 -50.72
C1 RXP L . -6.03 38.87 -51.33
C2 RXP L . -7.39 39.29 -51.92
C3 RXP L . -7.20 40.50 -52.77
C4 RXP L . -6.97 40.44 -54.13
C5 RXP L . -7.22 41.89 -52.34
N3 RXP L . -6.96 42.70 -53.43
C6 RXP L . -6.81 41.92 -54.56
C7 RXP L . -6.85 39.35 -55.14
C8 RXP L . -6.55 42.36 -55.94
C9 RXP L . -6.63 39.76 -56.57
C10 RXP L . -6.49 41.27 -56.98
C11 RXP L . -5.26 39.80 -50.30
O1 RXP L . -5.83 39.99 -49.24
O2 RXP L . -4.39 36.64 -51.53
C12 RXP L . -5.31 36.51 -50.84
C13 RXP L . -4.54 34.52 -49.31
C14 RXP L . -4.95 36.39 -45.75
C15 RXP L . -6.13 36.87 -45.08
C16 RXP L . -6.01 37.25 -43.67
C17 RXP L . -4.74 37.21 -42.95
C18 RXP L . -3.55 36.83 -43.68
C19 RXP L . -3.56 36.45 -45.10
C20 RXP L . -5.62 35.14 -50.15
C38 RXP L . -4.36 35.22 -48.01
C39 RXP L . -5.40 35.90 -47.05
C21 RXP L . -5.84 34.06 -51.25
P RXP L . -6.72 32.60 -50.81
O1P RXP L . -7.74 33.13 -50.20
O2P RXP L . -6.21 31.66 -50.03
N4 RXP L . -7.94 32.72 -53.13
C22 RXP L . -7.30 31.72 -52.29
C23 RXP L . -8.39 30.66 -52.02
C24 RXP L . -8.48 29.62 -53.00
C25 RXP L . -9.27 29.79 -54.33
C26 RXP L . -7.75 28.34 -52.75
C27 RXP L . -9.32 28.77 -55.37
C28 RXP L . -7.81 27.28 -53.80
C29 RXP L . -8.59 27.52 -55.09
C30 RXP L . -8.20 33.06 -54.49
O5 RXP L . -9.16 34.00 -54.74
O6 RXP L . -7.51 32.16 -55.46
C31 RXP L . -7.89 32.25 -56.98
C32 RXP L . -9.39 32.64 -57.39
C33 RXP L . -10.59 31.69 -57.20
C34 RXP L . -12.04 32.23 -57.27
C35 RXP L . -12.31 33.73 -57.63
C36 RXP L . -11.16 34.73 -57.96
C37 RXP L . -9.69 34.13 -57.77
ZN ZN M . 24.70 24.79 30.14
ZN ZN N . 15.93 29.89 38.60
CA CA O . 25.23 35.89 31.12
C1 CPS P . 11.20 27.44 34.19
C2 CPS P . 10.26 28.65 34.19
C3 CPS P . 12.01 30.31 33.41
C4 CPS P . 12.91 31.64 33.33
C5 CPS P . 12.03 32.88 33.54
C6 CPS P . 11.02 32.66 34.63
C7 CPS P . 10.24 33.92 34.84
C8 CPS P . 11.27 35.06 34.26
C9 CPS P . 12.58 34.20 33.71
C10 CPS P . 11.00 32.98 32.11
C11 CPS P . 9.46 28.80 32.81
C12 CPS P . 11.90 27.20 35.52
C13 CPS P . 10.98 27.09 36.70
C14 CPS P . 10.01 28.32 36.80
C15 CPS P . 9.28 28.51 35.40
C16 CPS P . 8.36 29.66 35.54
C17 CPS P . 8.91 31.08 35.64
C18 CPS P . 10.07 31.46 34.55
C19 CPS P . 10.98 30.01 34.47
C20 CPS P . 13.17 35.02 32.49
C21 CPS P . 14.22 34.37 31.61
C22 CPS P . 13.68 36.39 33.01
C23 CPS P . 14.23 37.23 32.00
O2 CPS P . 11.70 26.89 38.06
O3 CPS P . 9.49 31.32 36.81
O4 CPS P . 13.63 31.54 34.32
C1 CPS Q . 20.55 13.70 42.55
C2 CPS Q . 19.87 14.14 41.26
C3 CPS Q . 17.59 14.54 42.33
C4 CPS Q . 15.97 14.46 42.58
C5 CPS Q . 15.27 14.82 41.33
C6 CPS Q . 15.93 14.13 40.13
C7 CPS Q . 15.15 14.51 38.90
C8 CPS Q . 13.65 14.89 39.53
C9 CPS Q . 13.86 14.67 41.15
C10 CPS Q . 15.61 16.51 41.07
C11 CPS Q . 20.09 15.70 40.97
C12 CPS Q . 20.50 12.23 42.83
C13 CPS Q . 21.03 11.40 41.76
C14 CPS Q . 20.33 11.70 40.39
C15 CPS Q . 20.44 13.27 40.10
C16 CPS Q . 19.81 13.57 38.79
C17 CPS Q . 18.29 13.55 38.67
C18 CPS Q . 17.43 14.27 39.87
C19 CPS Q . 18.33 13.84 41.24
C20 CPS Q . 12.76 15.58 41.89
C21 CPS Q . 12.81 15.65 43.41
C22 CPS Q . 11.34 15.10 41.44
C23 CPS Q . 10.22 15.81 42.00
O2 CPS Q . 20.93 9.91 42.08
O3 CPS Q . 17.79 12.35 38.67
O4 CPS Q . 15.74 13.26 42.75
N1 RXP R . 19.96 38.28 36.27
N2 RXP R . 18.10 35.23 36.02
C1 RXP R . 18.37 36.59 35.45
C2 RXP R . 17.11 37.18 34.84
C3 RXP R . 17.30 38.39 33.88
C4 RXP R . 17.68 38.27 32.47
C5 RXP R . 17.09 39.83 34.11
N3 RXP R . 17.34 40.60 32.94
C6 RXP R . 17.70 39.76 31.90
C7 RXP R . 18.05 37.12 31.49
C8 RXP R . 18.03 40.06 30.45
C9 RXP R . 18.33 37.45 30.05
C10 RXP R . 18.33 38.89 29.50
C11 RXP R . 18.89 37.52 36.57
O1 RXP R . 18.25 37.59 37.57
O2 RXP R . 20.05 34.25 35.74
C12 RXP R . 18.96 34.17 36.18
C13 RXP R . 19.65 32.25 37.90
C14 RXP R . 18.94 34.03 41.42
C15 RXP R . 17.67 34.41 42.01
C16 RXP R . 17.63 34.86 43.49
C17 RXP R . 18.90 34.98 44.30
C18 RXP R . 20.18 34.63 43.66
C19 RXP R . 20.24 34.18 42.21
C20 RXP R . 18.63 32.76 36.89
C38 RXP R . 19.79 33.22 39.04
C39 RXP R . 18.67 33.64 40.02
C21 RXP R . 18.55 31.65 35.76
P RXP R . 17.60 30.16 36.03
O1P RXP R . 16.39 30.77 36.42
O2P RXP R . 18.14 29.23 36.95
N4 RXP R . 16.74 30.22 33.55
C22 RXP R . 17.29 29.26 34.50
C23 RXP R . 16.24 28.10 34.54
C24 RXP R . 16.28 27.12 33.41
C25 RXP R . 15.67 27.42 31.96
C26 RXP R . 16.98 25.79 33.70
C27 RXP R . 15.84 26.40 30.84
C28 RXP R . 17.11 24.73 32.56
C29 RXP R . 16.56 25.01 31.09
C30 RXP R . 17.07 30.64 32.14
O5 RXP R . 16.77 31.86 31.60
O6 RXP R . 17.51 29.58 31.28
C31 RXP R . 17.69 29.71 29.75
C32 RXP R . 16.76 29.81 28.47
C33 RXP R . 15.35 29.12 28.24
C34 RXP R . 14.53 29.53 26.89
C35 RXP R . 15.00 30.58 25.76
C36 RXP R . 16.45 31.18 25.94
C37 RXP R . 17.33 30.79 27.26
ZN ZN S . -15.27 -12.11 -48.26
ZN ZN T . -3.30 -17.28 -48.80
CA CA U . -14.99 -23.19 -46.33
C1 CPS V . -3.58 -15.51 -55.86
C2 CPS V . -2.97 -16.81 -56.39
C3 CPS V . -4.78 -18.40 -55.46
C4 CPS V . -5.47 -19.69 -54.71
C5 CPS V . -4.75 -20.97 -55.10
C6 CPS V . -3.24 -20.72 -55.12
C7 CPS V . -2.55 -22.01 -55.46
C8 CPS V . -3.65 -23.15 -55.02
C9 CPS V . -4.94 -22.26 -54.48
C10 CPS V . -5.13 -21.26 -56.81
C11 CPS V . -3.39 -17.13 -57.90
C12 CPS V . -3.01 -15.03 -54.53
C13 CPS V . -1.52 -14.94 -54.49
C14 CPS V . -0.84 -16.28 -54.92
C15 CPS V . -1.42 -16.67 -56.32
C16 CPS V . -0.74 -17.90 -56.75
C17 CPS V . -1.06 -19.23 -56.06
C18 CPS V . -2.64 -19.59 -55.97
C19 CPS V . -3.30 -18.09 -55.52
C20 CPS V . -6.23 -23.16 -54.73
C21 CPS V . -7.60 -22.55 -54.46
C22 CPS V . -6.08 -24.49 -53.92
C23 CPS V . -7.15 -25.44 -54.07
O2 CPS V . -0.93 -14.54 -53.13
O3 CPS V . -0.67 -19.28 -54.83
O4 CPS V . -5.20 -19.51 -53.52
C1 CPS W . -4.59 -0.18 -44.68
C2 CPS W . -3.69 -1.29 -45.22
C3 CPS W . -1.56 -0.11 -44.48
C4 CPS W . -0.07 0.54 -44.55
C5 CPS W . 0.85 -0.38 -45.24
C6 CPS W . 0.17 -0.98 -46.45
C7 CPS W . 1.15 -1.85 -47.15
C8 CPS W . 2.59 -1.22 -46.65
C9 CPS W . 2.17 -0.01 -45.63
C10 CPS W . 1.00 -1.79 -44.19
C11 CPS W . -3.50 -2.52 -44.22
C12 CPS W . -4.85 0.95 -45.66
C13 CPS W . -5.44 0.48 -46.95
C14 CPS W . -4.55 -0.63 -47.61
C15 CPS W . -4.30 -1.79 -46.55
C16 CPS W . -3.48 -2.82 -47.18
C17 CPS W . -2.01 -2.54 -47.52
C18 CPS W . -1.16 -1.76 -46.30
C19 CPS W . -2.31 -0.73 -45.63
C20 CPS W . 3.39 0.18 -44.62
C21 CPS W . 3.24 1.15 -43.47
C22 CPS W . 4.66 0.57 -45.47
C23 CPS W . 5.88 0.77 -44.73
O2 CPS W . -5.67 1.59 -48.00
O3 CPS W . -1.86 -1.77 -48.61
O4 CPS W . -0.18 1.50 -45.33
N1 RXP X . -7.67 -25.22 -46.52
N2 RXP X . -6.56 -22.65 -48.30
C1 RXP X . -7.10 -24.01 -48.51
C2 RXP X . -6.90 -24.58 -49.94
C3 RXP X . -7.74 -25.80 -50.30
C4 RXP X . -9.00 -25.81 -50.99
C5 RXP X . -7.39 -27.17 -50.00
N3 RXP X . -8.40 -28.04 -50.45
C6 RXP X . -9.40 -27.29 -51.07
C7 RXP X . -9.94 -24.82 -51.63
C8 RXP X . -10.63 -27.77 -51.71
C9 RXP X . -11.19 -25.26 -52.36
C10 RXP X . -11.54 -26.75 -52.39
C11 RXP X . -6.66 -24.80 -47.30
O1 RXP X . -5.55 -25.18 -47.40
O2 RXP X . -8.25 -21.68 -47.11
C12 RXP X . -7.17 -21.63 -47.60
C13 RXP X . -6.10 -19.71 -46.13
C14 RXP X . -3.00 -21.15 -44.30
C15 RXP X . -1.67 -21.56 -44.73
C16 RXP X . -0.64 -21.78 -43.70
C17 RXP X . -0.95 -21.66 -42.24
C18 RXP X . -2.31 -21.33 -41.80
C19 RXP X . -3.40 -21.09 -42.83
C20 RXP X . -6.37 -20.27 -47.54
C38 RXP X . -5.31 -20.74 -45.42
C39 RXP X . -3.81 -20.98 -45.53
C21 RXP X . -7.16 -19.22 -48.42
P RXP X . -6.34 -17.76 -49.01
O1P RXP X . -5.21 -18.36 -49.69
O2P RXP X . -6.03 -16.77 -47.95
N4 RXP X . -7.27 -17.75 -51.18
C22 RXP X . -7.12 -16.74 -50.18
C23 RXP X . -6.25 -15.70 -50.89
C24 RXP X . -6.95 -14.85 -51.79
C25 RXP X . -7.18 -15.25 -53.22
C26 RXP X . -7.49 -13.59 -51.25
C27 RXP X . -7.99 -14.34 -54.08
C28 RXP X . -8.29 -12.67 -52.13
C29 RXP X . -8.58 -13.04 -53.59
C30 RXP X . -8.35 -18.30 -51.99
O5 RXP X . -7.92 -19.27 -52.84
O6 RXP X . -9.65 -17.66 -52.04
C31 RXP X . -10.39 -18.16 -53.37
C32 RXP X . -9.91 -17.77 -54.89
C33 RXP X . -10.25 -16.45 -55.60
C34 RXP X . -9.65 -16.06 -57.02
C35 RXP X . -8.68 -17.08 -57.77
C36 RXP X . -8.34 -18.47 -57.14
C37 RXP X . -8.97 -18.73 -55.74
ZN ZN Y . 9.72 -13.75 37.64
ZN ZN Z . 21.82 -18.76 38.34
CA CA AA . 10.04 -24.75 39.66
C1 CPS BA . 22.52 -17.05 31.67
C2 CPS BA . 23.23 -18.32 31.14
C3 CPS BA . 21.43 -19.95 31.86
C4 CPS BA . 20.74 -21.27 32.51
C5 CPS BA . 21.49 -22.50 32.11
C6 CPS BA . 23.00 -22.25 32.18
C7 CPS BA . 23.71 -23.52 31.81
C8 CPS BA . 22.59 -24.65 32.17
C9 CPS BA . 21.28 -23.79 32.70
C10 CPS BA . 21.22 -22.68 30.40
C11 CPS BA . 22.88 -18.60 29.58
C12 CPS BA . 22.95 -16.62 33.06
C13 CPS BA . 24.41 -16.45 33.23
C14 CPS BA . 25.19 -17.76 32.80
C15 CPS BA . 24.76 -18.12 31.32
C16 CPS BA . 25.52 -19.31 30.90
C17 CPS BA . 25.20 -20.69 31.46
C18 CPS BA . 23.62 -21.08 31.45
C19 CPS BA . 22.89 -19.62 31.92
C20 CPS BA . 19.99 -24.67 32.42
C21 CPS BA . 18.63 -24.05 32.67
C22 CPS BA . 20.12 -25.99 33.21
C23 CPS BA . 19.03 -26.90 33.03
O2 CPS BA . 24.82 -16.06 34.66
O3 CPS BA . 25.54 -20.84 32.73
O4 CPS BA . 20.93 -21.15 33.70
C1 CPS CA . 19.92 -1.25 41.98
C2 CPS CA . 20.73 -2.47 41.50
C3 CPS CA . 22.98 -1.58 42.38
C4 CPS CA . 24.54 -1.12 42.43
C5 CPS CA . 25.42 -2.10 41.75
C6 CPS CA . 24.71 -2.63 40.47
C7 CPS CA . 25.67 -3.59 39.76
C8 CPS CA . 27.15 -3.07 40.32
C9 CPS CA . 26.77 -1.82 41.38
C10 CPS CA . 25.47 -3.51 42.77
C11 CPS CA . 20.72 -3.69 42.53
C12 CPS CA . 19.77 -0.15 40.95
C13 CPS CA . 19.18 -0.61 39.63
C14 CPS CA . 20.03 -1.79 39.04
C15 CPS CA . 20.14 -2.93 40.15
C16 CPS CA . 20.90 -4.04 39.59
C17 CPS CA . 22.39 -3.83 39.27
C18 CPS CA . 23.28 -3.24 40.56
C19 CPS CA . 22.23 -2.08 41.17
C20 CPS CA . 27.95 -1.70 42.46
C21 CPS CA . 27.79 -0.75 43.61
C22 CPS CA . 29.29 -1.39 41.70
C23 CPS CA . 30.46 -1.27 42.53
O2 CPS CA . 19.05 0.48 38.54
O3 CPS CA . 22.60 -2.96 38.27
O4 CPS CA . 24.56 -0.16 41.69
N1 RXP DA . 17.16 -26.97 40.17
N2 RXP DA . 18.52 -24.25 38.77
C1 RXP DA . 17.97 -25.54 38.53
C2 RXP DA . 18.38 -25.92 37.13
C3 RXP DA . 17.81 -27.29 36.76
C4 RXP DA . 16.75 -27.35 35.89
C5 RXP DA . 18.18 -28.61 37.15
N3 RXP DA . 17.34 -29.54 36.62
C6 RXP DA . 16.42 -28.88 35.83
C7 RXP DA . 15.90 -26.33 35.07
C8 RXP DA . 15.26 -29.40 35.03
C9 RXP DA . 14.76 -26.84 34.25
C10 RXP DA . 14.39 -28.37 34.22
C11 RXP DA . 18.31 -26.38 39.82
O1 RXP DA . 19.42 -26.44 40.31
O2 RXP DA . 16.69 -23.18 39.40
C12 RXP DA . 17.85 -23.13 39.21
C13 RXP DA . 18.67 -21.04 40.59
C14 RXP DA . 21.59 -22.51 43.02
C15 RXP DA . 22.86 -22.94 42.53
C16 RXP DA . 23.88 -23.22 43.59
C17 RXP DA . 23.58 -23.13 45.07
C18 RXP DA . 22.26 -22.76 45.49
C19 RXP DA . 21.26 -22.48 44.49
C20 RXP DA . 18.69 -21.79 39.28
C38 RXP DA . 19.31 -21.78 41.73
C39 RXP DA . 20.81 -22.23 41.80
C21 RXP DA . 18.05 -20.84 38.23
P RXP DA . 18.82 -19.31 37.73
O1P RXP DA . 20.00 -19.83 37.27
O2P RXP DA . 19.05 -18.27 38.61
N4 RXP DA . 17.64 -19.61 35.40
C22 RXP DA . 18.06 -18.59 36.34
C23 RXP DA . 19.07 -17.65 35.61
C24 RXP DA . 18.68 -16.65 34.77
C25 RXP DA . 18.88 -16.80 33.23
C26 RXP DA . 17.98 -15.43 35.40
C27 RXP DA . 18.31 -15.71 32.35
C28 RXP DA . 17.41 -14.31 34.44
C29 RXP DA . 17.55 -14.47 32.91
C30 RXP DA . 16.44 -19.56 34.62
O5 RXP DA . 15.39 -18.80 34.84
O6 RXP DA . 16.80 -20.39 33.52
C31 RXP DA . 15.91 -20.61 32.33
C32 RXP DA . 16.41 -19.83 31.14
C33 RXP DA . 15.97 -18.40 30.89
C34 RXP DA . 16.61 -17.56 29.72
C35 RXP DA . 17.72 -18.20 28.82
C36 RXP DA . 18.13 -19.66 29.04
C37 RXP DA . 17.46 -20.46 30.22
ZN ZN EA . -26.58 21.40 -48.14
ZN ZN FA . -38.65 26.26 -49.66
CA CA GA . -27.30 32.33 -46.00
C1 CPS HA . -37.84 24.44 -56.15
C2 CPS HA . -38.40 25.66 -56.91
C3 CPS HA . -36.76 27.34 -55.82
C4 CPS HA . -36.16 28.68 -55.07
C5 CPS HA . -36.86 29.92 -55.61
C6 CPS HA . -38.37 29.64 -55.79
C7 CPS HA . -39.01 30.93 -56.26
C8 CPS HA . -37.94 32.10 -55.76
C9 CPS HA . -36.71 31.25 -55.07
C10 CPS HA . -36.33 30.03 -57.29
C11 CPS HA . -37.74 25.82 -58.36
C12 CPS HA . -38.60 24.10 -54.86
C13 CPS HA . -40.09 23.92 -55.05
C14 CPS HA . -40.73 25.20 -55.71
C15 CPS HA . -39.95 25.48 -57.06
C16 CPS HA . -40.57 26.66 -57.71
C17 CPS HA . -40.38 28.07 -57.10
C18 CPS HA . -38.83 28.48 -56.71
C19 CPS HA . -38.22 27.00 -56.09
C20 CPS HA . -35.38 32.12 -55.25
C21 CPS HA . -34.07 31.52 -54.80
C22 CPS HA . -35.59 33.50 -54.55
C23 CPS HA . -34.49 34.42 -54.66
O2 CPS HA . -40.87 23.62 -53.77
O3 CPS HA . -41.04 28.26 -55.98
O4 CPS HA . -36.52 28.57 -53.89
C1 CPS IA . -38.31 9.59 -45.29
C2 CPS IA . -37.78 10.22 -46.58
C3 CPS IA . -40.08 10.57 -47.67
C4 CPS IA . -41.27 10.54 -48.80
C5 CPS IA . -40.74 11.08 -50.08
C6 CPS IA . -39.35 10.53 -50.36
C7 CPS IA . -38.89 11.12 -51.66
C8 CPS IA . -40.33 11.49 -52.41
C9 CPS IA . -41.45 11.00 -51.31
C10 CPS IA . -40.43 12.77 -49.76
C11 CPS IA . -37.51 11.78 -46.42
C12 CPS IA . -38.39 8.08 -45.27
C13 CPS IA . -37.14 7.39 -45.63
C14 CPS IA . -36.59 7.90 -47.02
C15 CPS IA . -36.46 9.50 -46.94
C16 CPS IA . -35.89 9.99 -48.21
C17 CPS IA . -36.72 10.00 -49.47
C18 CPS IA . -38.22 10.63 -49.32
C19 CPS IA . -38.71 9.99 -47.82
C20 CPS IA . -42.81 11.79 -51.62
C21 CPS IA . -43.98 11.63 -50.68
C22 CPS IA . -43.27 11.43 -53.09
C23 CPS IA . -44.47 12.06 -53.56
O2 CPS IA . -37.27 5.86 -45.65
O3 CPS IA . -36.95 8.81 -49.95
O4 CPS IA . -41.47 9.35 -49.05
N1 RXP JA . -34.50 34.39 -47.06
N2 RXP JA . -35.86 31.70 -48.68
C1 RXP JA . -35.30 33.02 -48.79
C2 RXP JA . -35.56 33.67 -50.14
C3 RXP JA . -34.81 34.96 -50.42
C4 RXP JA . -33.65 34.99 -51.11
C5 RXP JA . -35.20 36.27 -50.05
N3 RXP JA . -34.30 37.18 -50.44
C6 RXP JA . -33.31 36.48 -51.12
C7 RXP JA . -32.74 33.96 -51.81
C8 RXP JA . -32.06 37.02 -51.84
C9 RXP JA . -31.53 34.51 -52.53
C10 RXP JA . -31.14 36.03 -52.58
C11 RXP JA . -35.64 33.87 -47.53
O1 RXP JA . -36.76 34.26 -47.33
O2 RXP JA . -34.10 30.68 -47.60
C12 RXP JA . -35.26 30.65 -48.05
C13 RXP JA . -36.14 28.69 -46.58
C14 RXP JA . -39.57 29.81 -44.87
C15 RXP JA . -40.83 30.06 -45.58
C16 RXP JA . -42.09 30.43 -44.86
C17 RXP JA . -42.05 30.62 -43.42
C18 RXP JA . -40.79 30.39 -42.69
C19 RXP JA . -39.50 30.00 -43.42
C20 RXP JA . -36.04 29.29 -47.98
C38 RXP JA . -37.08 29.48 -45.68
C39 RXP JA . -38.55 29.58 -45.88
C21 RXP JA . -35.19 28.25 -48.86
P RXP JA . -35.76 26.74 -49.63
O1P RXP JA . -36.86 27.19 -50.35
O2P RXP JA . -36.04 25.68 -48.73
N4 RXP JA . -34.45 27.21 -51.90
C22 RXP JA . -34.80 26.11 -51.00
C23 RXP JA . -35.59 25.04 -51.85
C24 RXP JA . -34.85 24.13 -52.61
C25 RXP JA . -34.40 24.45 -54.06
C26 RXP JA . -34.44 22.86 -51.95
C27 RXP JA . -33.50 23.51 -54.78
C28 RXP JA . -33.52 21.88 -52.72
C29 RXP JA . -33.02 22.21 -54.11
C30 RXP JA . -33.40 27.53 -52.81
O5 RXP JA . -33.54 28.53 -53.58
O6 RXP JA . -32.36 26.51 -53.04
C31 RXP JA . -31.30 26.47 -54.27
C32 RXP JA . -31.67 26.97 -55.66
C33 RXP JA . -32.97 26.72 -56.43
C34 RXP JA . -33.38 27.44 -57.74
C35 RXP JA . -32.31 28.44 -58.38
C36 RXP JA . -30.90 28.64 -57.71
C37 RXP JA . -30.66 27.90 -56.31
ZN ZN KA . 13.58 -46.39 34.84
ZN ZN LA . 1.72 -41.41 32.41
CA CA MA . 11.95 -36.01 38.93
C1 CPS NA . 4.20 -60.35 31.17
C2 CPS NA . 3.30 -59.36 31.91
C3 CPS NA . 1.01 -60.42 31.18
C4 CPS NA . -0.51 -60.50 30.57
C5 CPS NA . -1.36 -59.48 31.25
C6 CPS NA . -0.62 -58.16 31.34
C7 CPS NA . -1.53 -57.19 32.05
C8 CPS NA . -3.01 -57.79 31.74
C9 CPS NA . -2.69 -59.13 30.83
C10 CPS NA . -1.50 -60.00 32.93
C11 CPS NA . 3.08 -59.72 33.44
C12 CPS NA . 4.54 -60.00 29.73
C13 CPS NA . 5.14 -58.66 29.57
C14 CPS NA . 4.24 -57.55 30.24
C15 CPS NA . 3.95 -57.97 31.77
C16 CPS NA . 3.14 -56.92 32.41
C17 CPS NA . 1.72 -56.70 31.92
C18 CPS NA . 0.78 -58.04 31.93
C19 CPS NA . 1.86 -59.16 31.22
C20 CPS NA . -3.95 -60.09 30.94
C21 CPS NA . -3.88 -61.47 30.33
C22 CPS NA . -5.20 -59.32 30.37
C23 CPS NA . -6.46 -60.02 30.41
O2 CPS NA . 5.45 -58.26 28.08
O3 CPS NA . 1.67 -56.31 30.63
O4 CPS NA . -0.42 -60.10 29.40
C1 CPS OA . 3.84 -41.89 25.70
C2 CPS OA . 3.32 -40.49 25.21
C3 CPS OA . 4.65 -39.00 26.96
C4 CPS OA . 4.76 -37.88 28.16
C5 CPS OA . 4.15 -36.56 27.69
C6 CPS OA . 2.75 -36.76 27.15
C7 CPS OA . 2.21 -35.42 26.72
C8 CPS OA . 3.06 -34.37 27.71
C9 CPS OA . 3.99 -35.41 28.59
C10 CPS OA . 5.19 -36.05 26.26
C11 CPS OA . 4.25 -39.89 24.00
C12 CPS OA . 2.96 -42.48 26.83
C13 CPS OA . 1.51 -42.60 26.40
C14 CPS OA . 0.82 -41.23 25.93
C15 CPS OA . 1.77 -40.67 24.76
C16 CPS OA . 1.17 -39.37 24.29
C17 CPS OA . 1.24 -38.09 25.19
C18 CPS OA . 2.67 -37.76 25.91
C19 CPS OA . 3.29 -39.35 26.33
C20 CPS OA . 5.35 -34.60 29.09
C21 CPS OA . 6.47 -35.36 29.94
C22 CPS OA . 5.10 -33.36 30.01
C23 CPS OA . 5.40 -32.01 29.27
C24 CPS OA . 6.08 -31.04 30.25
C25 CPS OA . 4.92 -29.13 31.12
C26 CPS OA . 4.13 -28.88 32.41
C27 CPS OA . 2.72 -28.45 32.06
C28 CPS OA . 0.38 -29.05 32.18
C29 CPS OA . 1.84 -30.11 33.83
C30 CPS OA . 1.57 -27.51 33.83
C31 CPS OA . 0.55 -27.21 34.99
C32 CPS OA . -0.82 -26.74 34.48
N1 CPS OA . 5.19 -30.54 31.16
N2 CPS OA . 1.59 -28.82 32.99
O1 CPS OA . 7.27 -30.72 30.20
O2 CPS OA . 0.65 -43.18 27.50
O3 CPS OA . 0.46 -38.16 26.22
O4 CPS OA . 4.09 -38.34 29.13
O2S CPS OA . -0.21 -24.24 34.14
O3S CPS OA . -1.22 -24.80 36.41
O1S CPS OA . -2.71 -24.91 34.25
S CPS OA . -1.30 -25.01 34.89
N1 RXP PA . 5.25 -33.97 37.27
N2 RXP PA . 4.30 -36.26 34.92
C1 RXP PA . 4.85 -34.95 35.18
C2 RXP PA . 4.84 -34.03 33.98
C3 RXP PA . 5.58 -32.72 34.11
C4 RXP PA . 6.87 -32.58 33.68
C5 RXP PA . 5.11 -31.51 34.66
N3 RXP PA . 6.04 -30.56 34.64
C6 RXP PA . 7.16 -31.11 34.04
C7 RXP PA . 7.92 -33.45 32.98
C8 RXP PA . 8.51 -30.46 33.72
C9 RXP PA . 9.23 -32.80 32.63
C10 RXP PA . 9.58 -31.30 32.98
C11 RXP PA . 4.25 -34.37 36.50
O1 RXP PA . 3.10 -34.01 36.55
O2 RXP PA . 5.84 -37.50 36.09
C12 RXP PA . 4.79 -37.42 35.42
C13 RXP PA . 3.69 -39.63 36.26
C14 RXP PA . -0.03 -38.82 37.46
C15 RXP PA . -1.14 -38.40 36.58
C16 RXP PA . -2.53 -38.17 37.10
C17 RXP PA . -2.77 -38.28 38.52
C18 RXP PA . -1.67 -38.67 39.43
C19 RXP PA . -0.25 -38.93 38.90
C20 RXP PA . 4.05 -38.75 35.07
C38 RXP PA . 2.57 -39.03 37.11
C39 RXP PA . 1.17 -38.85 36.65
C21 RXP PA . 5.08 -39.61 34.18
P RXP PA . 4.70 -40.92 33.02
O1P RXP PA . 3.76 -40.32 32.21
O2P RXP PA . 4.28 -42.13 33.61
N4 RXP PA . 6.42 -40.03 31.20
C22 RXP PA . 5.94 -41.28 31.76
C23 RXP PA . 5.35 -42.14 30.58
C24 RXP PA . 6.24 -42.89 29.81
C25 RXP PA . 6.95 -42.29 28.57
C26 RXP PA . 6.56 -44.27 30.27
C27 RXP PA . 8.01 -43.08 27.88
C28 RXP PA . 7.64 -45.09 29.52
C29 RXP PA . 8.38 -44.49 28.34
C30 RXP PA . 7.62 -39.54 30.59
O5 RXP PA . 7.62 -38.40 30.03
O6 RXP PA . 8.71 -40.52 30.37
C31 RXP PA . 9.99 -40.31 29.39
C32 RXP PA . 9.89 -39.54 28.09
C33 RXP PA . 8.77 -39.60 27.03
C34 RXP PA . 8.62 -38.62 25.86
C35 RXP PA . 9.76 -37.54 25.65
C36 RXP PA . 11.01 -37.50 26.61
C37 RXP PA . 10.99 -38.51 27.86
#